data_1JC6
#
_entry.id   1JC6
#
_entity_poly.entity_id   1
_entity_poly.type   'polypeptide(L)'
_entity_poly.pdbx_seq_one_letter_code
;KNRPTFCNLLPETGRCNALIPAFYYNSHLHKCQKFNYGGCGGNANNFKTIDECQRTCAAKYGRSS
;
_entity_poly.pdbx_strand_id   A
#
# COMPACT_ATOMS: atom_id res chain seq x y z
N LYS A 1 19.70 1.78 -5.55
CA LYS A 1 19.67 0.91 -6.76
C LYS A 1 18.37 0.09 -6.77
N ASN A 2 17.43 0.45 -7.62
CA ASN A 2 16.13 -0.28 -7.70
C ASN A 2 15.38 -0.12 -6.38
N ARG A 3 14.07 0.02 -6.45
CA ARG A 3 13.23 0.19 -5.23
C ARG A 3 13.01 -1.19 -4.55
N PRO A 4 12.46 -1.17 -3.33
CA PRO A 4 12.19 -2.42 -2.57
C PRO A 4 10.92 -3.09 -3.08
N THR A 5 10.52 -4.18 -2.46
CA THR A 5 9.28 -4.90 -2.88
C THR A 5 8.28 -4.94 -1.71
N PHE A 6 8.42 -4.02 -0.78
CA PHE A 6 7.50 -3.93 0.41
C PHE A 6 6.02 -4.08 -0.03
N CYS A 7 5.72 -3.70 -1.26
CA CYS A 7 4.29 -3.82 -1.78
C CYS A 7 3.76 -5.22 -1.49
N ASN A 8 4.63 -6.20 -1.50
CA ASN A 8 4.21 -7.61 -1.20
C ASN A 8 4.14 -7.80 0.31
N LEU A 9 4.95 -7.05 1.04
CA LEU A 9 4.98 -7.12 2.55
C LEU A 9 3.56 -7.13 3.12
N LEU A 10 3.41 -7.68 4.32
CA LEU A 10 2.08 -7.73 4.99
C LEU A 10 2.09 -6.73 6.15
N PRO A 11 1.30 -5.65 6.06
CA PRO A 11 1.25 -4.62 7.12
C PRO A 11 0.41 -5.11 8.30
N GLU A 12 0.28 -4.29 9.31
CA GLU A 12 -0.51 -4.68 10.53
C GLU A 12 -1.33 -3.48 11.00
N THR A 13 -2.60 -3.69 11.29
CA THR A 13 -3.47 -2.59 11.77
C THR A 13 -3.04 -2.19 13.19
N GLY A 14 -2.56 -3.15 13.95
CA GLY A 14 -2.11 -2.88 15.35
C GLY A 14 -3.16 -3.39 16.35
N ARG A 15 -3.66 -4.58 16.14
CA ARG A 15 -4.69 -5.17 17.06
C ARG A 15 -5.93 -4.26 17.10
N CYS A 16 -6.16 -3.51 16.04
CA CYS A 16 -7.35 -2.61 15.98
C CYS A 16 -8.00 -2.74 14.61
N ASN A 17 -8.89 -1.82 14.29
CA ASN A 17 -9.61 -1.82 12.97
C ASN A 17 -10.67 -0.72 12.97
N ALA A 18 -10.64 0.13 11.97
CA ALA A 18 -11.64 1.24 11.86
C ALA A 18 -11.66 1.76 10.43
N LEU A 19 -12.81 2.16 9.95
CA LEU A 19 -12.93 2.67 8.54
C LEU A 19 -11.94 3.82 8.32
N ILE A 20 -10.95 3.59 7.47
CA ILE A 20 -9.93 4.64 7.15
C ILE A 20 -9.38 4.26 5.77
N PRO A 21 -9.25 5.24 4.88
CA PRO A 21 -8.77 4.94 3.52
C PRO A 21 -7.29 4.54 3.54
N ALA A 22 -7.01 3.34 4.00
CA ALA A 22 -5.60 2.85 4.00
C ALA A 22 -5.47 2.03 2.73
N PHE A 23 -4.47 2.31 1.94
CA PHE A 23 -4.33 1.62 0.63
C PHE A 23 -2.88 1.20 0.37
N TYR A 24 -2.70 0.08 -0.30
CA TYR A 24 -1.32 -0.36 -0.69
C TYR A 24 -1.42 -1.28 -1.91
N TYR A 25 -0.29 -1.64 -2.48
CA TYR A 25 -0.28 -2.46 -3.73
C TYR A 25 -0.13 -3.94 -3.44
N ASN A 26 -0.89 -4.73 -4.16
CA ASN A 26 -0.86 -6.21 -4.02
C ASN A 26 -0.29 -6.80 -5.32
N SER A 27 0.77 -7.57 -5.22
CA SER A 27 1.40 -8.18 -6.44
C SER A 27 0.43 -9.19 -7.07
N HIS A 28 -0.19 -10.00 -6.24
CA HIS A 28 -1.15 -11.03 -6.75
C HIS A 28 -2.30 -10.33 -7.48
N LEU A 29 -2.73 -9.19 -6.96
CA LEU A 29 -3.85 -8.43 -7.60
C LEU A 29 -3.29 -7.59 -8.76
N HIS A 30 -2.02 -7.29 -8.74
CA HIS A 30 -1.39 -6.47 -9.82
C HIS A 30 -2.04 -5.07 -9.81
N LYS A 31 -2.52 -4.66 -8.66
CA LYS A 31 -3.18 -3.32 -8.52
C LYS A 31 -3.12 -2.87 -7.06
N CYS A 32 -3.84 -1.82 -6.73
CA CYS A 32 -3.85 -1.32 -5.33
C CYS A 32 -5.00 -1.97 -4.57
N GLN A 33 -4.91 -1.97 -3.26
CA GLN A 33 -5.97 -2.57 -2.42
C GLN A 33 -6.15 -1.70 -1.19
N LYS A 34 -7.36 -1.49 -0.76
CA LYS A 34 -7.62 -0.65 0.44
C LYS A 34 -7.77 -1.55 1.66
N PHE A 35 -7.13 -1.19 2.76
CA PHE A 35 -7.24 -2.00 4.00
C PHE A 35 -7.74 -1.10 5.13
N ASN A 36 -8.14 -1.69 6.23
CA ASN A 36 -8.70 -0.92 7.37
C ASN A 36 -7.62 -0.60 8.40
N TYR A 37 -7.66 0.60 8.95
CA TYR A 37 -6.67 1.02 9.98
C TYR A 37 -7.36 1.91 11.02
N GLY A 38 -6.76 2.07 12.18
CA GLY A 38 -7.38 2.91 13.26
C GLY A 38 -6.33 3.89 13.81
N GLY A 39 -5.24 3.36 14.32
CA GLY A 39 -4.15 4.22 14.88
C GLY A 39 -3.45 3.46 16.02
N CYS A 40 -3.05 2.23 15.76
CA CYS A 40 -2.35 1.41 16.79
C CYS A 40 -0.98 0.99 16.27
N GLY A 41 -0.95 0.41 15.09
CA GLY A 41 0.35 -0.04 14.48
C GLY A 41 0.60 0.73 13.19
N GLY A 42 1.02 0.06 12.15
CA GLY A 42 1.30 0.73 10.83
C GLY A 42 2.66 0.30 10.29
N ASN A 43 2.66 -0.45 9.21
CA ASN A 43 3.95 -0.92 8.59
C ASN A 43 4.28 -0.04 7.38
N ALA A 44 5.29 -0.42 6.61
CA ALA A 44 5.69 0.37 5.41
C ALA A 44 4.56 0.36 4.38
N ASN A 45 3.96 -0.80 4.15
CA ASN A 45 2.85 -0.91 3.17
C ASN A 45 1.58 -0.26 3.75
N ASN A 46 1.33 0.99 3.40
CA ASN A 46 0.11 1.69 3.90
C ASN A 46 0.05 3.12 3.34
N PHE A 47 -0.93 3.40 2.52
CA PHE A 47 -1.07 4.77 1.92
C PHE A 47 -2.43 5.37 2.32
N LYS A 48 -2.84 6.42 1.63
CA LYS A 48 -4.14 7.08 1.93
C LYS A 48 -5.15 6.83 0.80
N THR A 49 -4.68 6.50 -0.39
CA THR A 49 -5.60 6.23 -1.53
C THR A 49 -4.85 5.51 -2.65
N ILE A 50 -5.52 5.31 -3.75
CA ILE A 50 -4.93 4.60 -4.93
C ILE A 50 -3.90 5.51 -5.63
N ASP A 51 -4.04 6.81 -5.47
CA ASP A 51 -3.09 7.77 -6.13
C ASP A 51 -1.67 7.53 -5.62
N GLU A 52 -1.42 7.91 -4.38
CA GLU A 52 -0.06 7.70 -3.76
C GLU A 52 0.32 6.21 -3.84
N CYS A 53 -0.66 5.35 -3.83
CA CYS A 53 -0.43 3.88 -3.90
C CYS A 53 -0.01 3.47 -5.32
N GLN A 54 -0.43 4.23 -6.32
CA GLN A 54 -0.08 3.89 -7.74
C GLN A 54 1.30 4.45 -8.11
N ARG A 55 1.66 5.59 -7.57
CA ARG A 55 2.99 6.23 -7.89
C ARG A 55 4.11 5.59 -7.08
N THR A 56 3.80 4.98 -5.95
CA THR A 56 4.86 4.37 -5.09
C THR A 56 5.09 2.89 -5.44
N CYS A 57 4.03 2.11 -5.55
CA CYS A 57 4.19 0.65 -5.89
C CYS A 57 3.99 0.43 -7.38
N ALA A 58 3.08 1.17 -7.99
CA ALA A 58 2.81 1.00 -9.45
C ALA A 58 3.67 1.97 -10.26
N ALA A 59 3.35 2.13 -11.52
CA ALA A 59 4.14 3.04 -12.41
C ALA A 59 3.81 4.50 -12.08
N LYS A 60 4.34 5.43 -12.84
CA LYS A 60 4.07 6.89 -12.59
C LYS A 60 3.05 7.40 -13.61
N TYR A 61 2.15 8.25 -13.16
CA TYR A 61 1.10 8.83 -14.07
C TYR A 61 1.25 10.35 -14.10
N GLY A 62 0.52 11.01 -14.98
CA GLY A 62 0.60 12.51 -15.09
C GLY A 62 -0.05 13.15 -13.87
N ARG A 63 0.75 13.76 -13.03
CA ARG A 63 0.22 14.43 -11.80
C ARG A 63 1.14 15.60 -11.41
N SER A 64 0.80 16.80 -11.83
CA SER A 64 1.64 17.99 -11.51
C SER A 64 0.76 19.24 -11.38
N SER A 65 0.16 19.66 -12.47
CA SER A 65 -0.73 20.86 -12.45
C SER A 65 -2.05 20.52 -11.76
N LYS A 1 21.97 -2.77 -3.83
CA LYS A 1 20.92 -2.40 -2.84
C LYS A 1 19.77 -3.43 -2.90
N ASN A 2 19.64 -4.23 -1.86
CA ASN A 2 18.54 -5.25 -1.82
C ASN A 2 17.19 -4.54 -1.88
N ARG A 3 16.27 -5.07 -2.68
CA ARG A 3 14.92 -4.44 -2.80
C ARG A 3 14.03 -4.87 -1.63
N PRO A 4 13.16 -3.99 -1.15
CA PRO A 4 12.25 -4.30 -0.03
C PRO A 4 11.06 -5.09 -0.52
N THR A 5 10.47 -4.66 -1.61
CA THR A 5 9.27 -5.35 -2.18
C THR A 5 8.12 -5.31 -1.16
N PHE A 6 8.19 -4.40 -0.21
CA PHE A 6 7.13 -4.25 0.86
C PHE A 6 5.71 -4.40 0.25
N CYS A 7 5.53 -4.02 -0.99
CA CYS A 7 4.18 -4.14 -1.65
C CYS A 7 3.63 -5.56 -1.45
N ASN A 8 4.52 -6.52 -1.39
CA ASN A 8 4.11 -7.95 -1.14
C ASN A 8 4.03 -8.16 0.38
N LEU A 9 4.91 -7.49 1.09
CA LEU A 9 4.95 -7.58 2.59
C LEU A 9 3.59 -7.16 3.15
N LEU A 10 2.98 -8.01 3.95
CA LEU A 10 1.65 -7.67 4.55
C LEU A 10 1.86 -6.71 5.74
N PRO A 11 1.14 -5.60 5.79
CA PRO A 11 1.27 -4.62 6.88
C PRO A 11 0.51 -5.09 8.12
N GLU A 12 0.39 -4.23 9.11
CA GLU A 12 -0.35 -4.59 10.36
C GLU A 12 -1.15 -3.38 10.84
N THR A 13 -2.36 -3.61 11.32
CA THR A 13 -3.22 -2.49 11.81
C THR A 13 -2.59 -1.86 13.05
N GLY A 14 -2.06 -2.68 13.94
CA GLY A 14 -1.41 -2.15 15.18
C GLY A 14 -2.44 -2.11 16.32
N ARG A 15 -3.15 -3.20 16.52
CA ARG A 15 -4.18 -3.27 17.62
C ARG A 15 -5.21 -2.14 17.46
N CYS A 16 -5.37 -1.63 16.26
CA CYS A 16 -6.37 -0.55 16.00
C CYS A 16 -6.99 -0.72 14.63
N ASN A 17 -8.30 -0.81 14.59
CA ASN A 17 -9.02 -0.99 13.30
C ASN A 17 -10.18 0.00 13.21
N ALA A 18 -10.40 0.56 12.03
CA ALA A 18 -11.51 1.53 11.82
C ALA A 18 -11.56 1.89 10.34
N LEU A 19 -12.75 2.10 9.81
CA LEU A 19 -12.89 2.44 8.36
C LEU A 19 -12.07 3.70 8.04
N ILE A 20 -11.00 3.53 7.30
CA ILE A 20 -10.13 4.67 6.92
C ILE A 20 -9.49 4.28 5.58
N PRO A 21 -9.37 5.23 4.67
CA PRO A 21 -8.82 4.92 3.33
C PRO A 21 -7.34 4.53 3.43
N ALA A 22 -7.07 3.31 3.89
CA ALA A 22 -5.67 2.81 3.95
C ALA A 22 -5.50 1.99 2.70
N PHE A 23 -4.47 2.25 1.92
CA PHE A 23 -4.31 1.53 0.62
C PHE A 23 -2.86 1.11 0.36
N TYR A 24 -2.68 -0.03 -0.27
CA TYR A 24 -1.29 -0.48 -0.64
C TYR A 24 -1.36 -1.40 -1.86
N TYR A 25 -0.23 -1.85 -2.34
CA TYR A 25 -0.21 -2.71 -3.58
C TYR A 25 -0.31 -4.19 -3.24
N ASN A 26 -1.21 -4.84 -3.93
CA ASN A 26 -1.45 -6.31 -3.74
C ASN A 26 -0.90 -7.07 -4.95
N SER A 27 -0.25 -8.19 -4.70
CA SER A 27 0.32 -9.00 -5.83
C SER A 27 -0.77 -9.92 -6.41
N HIS A 28 -1.79 -10.21 -5.64
CA HIS A 28 -2.89 -11.12 -6.11
C HIS A 28 -3.60 -10.50 -7.33
N LEU A 29 -3.58 -9.19 -7.44
CA LEU A 29 -4.25 -8.50 -8.59
C LEU A 29 -3.28 -7.56 -9.32
N HIS A 30 -2.06 -7.43 -8.85
CA HIS A 30 -1.06 -6.55 -9.52
C HIS A 30 -1.58 -5.10 -9.52
N LYS A 31 -2.33 -4.75 -8.50
CA LYS A 31 -2.90 -3.37 -8.39
C LYS A 31 -2.93 -2.95 -6.93
N CYS A 32 -3.65 -1.90 -6.63
CA CYS A 32 -3.73 -1.39 -5.22
C CYS A 32 -4.98 -1.97 -4.55
N GLN A 33 -4.95 -2.01 -3.24
CA GLN A 33 -6.11 -2.53 -2.46
C GLN A 33 -6.25 -1.68 -1.21
N LYS A 34 -7.46 -1.47 -0.75
CA LYS A 34 -7.66 -0.64 0.45
C LYS A 34 -7.82 -1.55 1.67
N PHE A 35 -7.19 -1.19 2.76
CA PHE A 35 -7.28 -2.00 4.00
C PHE A 35 -7.79 -1.13 5.15
N ASN A 36 -8.06 -1.74 6.27
CA ASN A 36 -8.62 -1.01 7.46
C ASN A 36 -7.50 -0.55 8.38
N TYR A 37 -7.56 0.71 8.79
CA TYR A 37 -6.52 1.26 9.70
C TYR A 37 -7.18 2.21 10.70
N GLY A 38 -6.57 2.38 11.86
CA GLY A 38 -7.14 3.28 12.91
C GLY A 38 -6.24 4.50 13.07
N GLY A 39 -5.02 4.29 13.52
CA GLY A 39 -4.06 5.42 13.71
C GLY A 39 -3.16 5.12 14.91
N CYS A 40 -2.58 3.94 14.95
CA CYS A 40 -1.68 3.56 16.09
C CYS A 40 -0.29 3.21 15.57
N GLY A 41 -0.22 2.28 14.66
CA GLY A 41 1.11 1.85 14.08
C GLY A 41 0.87 0.88 12.92
N GLY A 42 1.88 0.65 12.11
CA GLY A 42 1.75 -0.28 10.96
C GLY A 42 3.10 -0.43 10.25
N ASN A 43 3.22 -1.43 9.41
CA ASN A 43 4.49 -1.67 8.65
C ASN A 43 4.67 -0.57 7.60
N ALA A 44 5.35 -0.86 6.50
CA ALA A 44 5.58 0.18 5.44
C ALA A 44 4.42 0.17 4.44
N ASN A 45 3.90 -1.00 4.10
CA ASN A 45 2.76 -1.09 3.14
C ASN A 45 1.53 -0.39 3.70
N ASN A 46 1.28 0.84 3.28
CA ASN A 46 0.09 1.60 3.77
C ASN A 46 0.07 3.00 3.18
N PHE A 47 -1.02 3.33 2.50
CA PHE A 47 -1.15 4.69 1.87
C PHE A 47 -2.49 5.31 2.28
N LYS A 48 -2.91 6.36 1.60
CA LYS A 48 -4.20 7.03 1.92
C LYS A 48 -5.21 6.83 0.77
N THR A 49 -4.76 6.29 -0.36
CA THR A 49 -5.67 6.05 -1.52
C THR A 49 -4.85 5.46 -2.67
N ILE A 50 -5.51 5.13 -3.75
CA ILE A 50 -4.82 4.54 -4.94
C ILE A 50 -3.87 5.57 -5.59
N ASP A 51 -4.02 6.84 -5.27
CA ASP A 51 -3.13 7.90 -5.87
C ASP A 51 -1.70 7.65 -5.44
N GLU A 52 -1.39 7.92 -4.18
CA GLU A 52 0.00 7.69 -3.66
C GLU A 52 0.39 6.22 -3.92
N CYS A 53 -0.59 5.35 -3.91
CA CYS A 53 -0.37 3.90 -4.16
C CYS A 53 0.15 3.69 -5.58
N GLN A 54 -0.48 4.34 -6.53
CA GLN A 54 -0.06 4.19 -7.96
C GLN A 54 1.35 4.75 -8.19
N ARG A 55 1.66 5.87 -7.58
CA ARG A 55 3.01 6.52 -7.76
C ARG A 55 4.13 5.73 -7.07
N THR A 56 3.87 5.14 -5.93
CA THR A 56 4.94 4.41 -5.18
C THR A 56 5.16 2.97 -5.69
N CYS A 57 4.12 2.17 -5.84
CA CYS A 57 4.31 0.76 -6.30
C CYS A 57 4.10 0.62 -7.82
N ALA A 58 3.11 1.29 -8.38
CA ALA A 58 2.86 1.18 -9.86
C ALA A 58 3.98 1.88 -10.63
N ALA A 59 3.89 1.85 -11.95
CA ALA A 59 4.93 2.51 -12.80
C ALA A 59 4.29 3.58 -13.70
N LYS A 60 4.77 4.80 -13.59
CA LYS A 60 4.21 5.92 -14.42
C LYS A 60 5.38 6.74 -14.99
N TYR A 61 5.27 7.15 -16.23
CA TYR A 61 6.36 7.96 -16.86
C TYR A 61 5.75 9.14 -17.63
N GLY A 62 6.45 10.25 -17.67
CA GLY A 62 5.93 11.46 -18.40
C GLY A 62 5.23 12.38 -17.40
N ARG A 63 4.42 13.29 -17.90
CA ARG A 63 3.68 14.26 -17.02
C ARG A 63 4.67 15.24 -16.41
N SER A 64 5.56 14.75 -15.57
CA SER A 64 6.57 15.64 -14.92
C SER A 64 7.97 15.01 -15.11
N SER A 65 8.72 15.52 -16.08
CA SER A 65 10.10 14.98 -16.34
C SER A 65 11.14 15.94 -15.76
N LYS A 1 16.48 4.99 -0.43
CA LYS A 1 15.28 4.79 -1.30
C LYS A 1 15.72 4.29 -2.68
N ASN A 2 15.34 3.07 -3.01
CA ASN A 2 15.72 2.49 -4.34
C ASN A 2 14.55 1.65 -4.88
N ARG A 3 13.34 2.04 -4.55
CA ARG A 3 12.12 1.29 -5.01
C ARG A 3 12.15 -0.14 -4.42
N PRO A 4 11.60 -0.30 -3.22
CA PRO A 4 11.56 -1.61 -2.54
C PRO A 4 10.43 -2.48 -3.10
N THR A 5 10.28 -3.68 -2.57
CA THR A 5 9.21 -4.61 -3.05
C THR A 5 8.13 -4.80 -1.97
N PHE A 6 8.16 -3.98 -0.94
CA PHE A 6 7.15 -4.05 0.17
C PHE A 6 5.73 -4.35 -0.36
N CYS A 7 5.42 -3.95 -1.58
CA CYS A 7 4.07 -4.23 -2.18
C CYS A 7 3.70 -5.70 -1.97
N ASN A 8 4.69 -6.56 -1.93
CA ASN A 8 4.45 -8.01 -1.68
C ASN A 8 4.43 -8.23 -0.16
N LEU A 9 5.26 -7.48 0.53
CA LEU A 9 5.35 -7.55 2.02
C LEU A 9 3.98 -7.26 2.62
N LEU A 10 3.56 -8.05 3.59
CA LEU A 10 2.22 -7.83 4.24
C LEU A 10 2.36 -6.84 5.42
N PRO A 11 1.52 -5.79 5.46
CA PRO A 11 1.58 -4.79 6.55
C PRO A 11 0.86 -5.31 7.80
N GLU A 12 0.55 -4.43 8.73
CA GLU A 12 -0.16 -4.84 9.99
C GLU A 12 -1.10 -3.71 10.44
N THR A 13 -2.22 -4.08 11.02
CA THR A 13 -3.21 -3.05 11.50
C THR A 13 -2.85 -2.63 12.93
N GLY A 14 -2.40 -3.57 13.74
CA GLY A 14 -2.03 -3.26 15.16
C GLY A 14 -3.21 -3.55 16.07
N ARG A 15 -3.98 -4.57 15.72
CA ARG A 15 -5.17 -4.95 16.54
C ARG A 15 -6.14 -3.76 16.64
N CYS A 16 -6.19 -2.95 15.60
CA CYS A 16 -7.10 -1.77 15.59
C CYS A 16 -7.75 -1.66 14.22
N ASN A 17 -9.06 -1.68 14.18
CA ASN A 17 -9.82 -1.59 12.89
C ASN A 17 -11.08 -0.74 13.09
N ALA A 18 -11.63 -0.23 12.01
CA ALA A 18 -12.87 0.61 12.07
C ALA A 18 -13.25 1.06 10.66
N LEU A 19 -12.52 2.00 10.12
CA LEU A 19 -12.79 2.52 8.73
C LEU A 19 -11.84 3.70 8.45
N ILE A 20 -10.87 3.48 7.58
CA ILE A 20 -9.90 4.55 7.22
C ILE A 20 -9.37 4.19 5.83
N PRO A 21 -9.21 5.17 4.96
CA PRO A 21 -8.74 4.89 3.59
C PRO A 21 -7.27 4.46 3.59
N ALA A 22 -7.00 3.25 4.05
CA ALA A 22 -5.60 2.74 4.03
C ALA A 22 -5.49 1.92 2.77
N PHE A 23 -4.53 2.23 1.94
CA PHE A 23 -4.40 1.53 0.63
C PHE A 23 -2.96 1.11 0.36
N TYR A 24 -2.75 -0.08 -0.16
CA TYR A 24 -1.36 -0.52 -0.51
C TYR A 24 -1.43 -1.42 -1.75
N TYR A 25 -0.29 -1.80 -2.27
CA TYR A 25 -0.24 -2.64 -3.52
C TYR A 25 -0.18 -4.13 -3.20
N ASN A 26 -0.94 -4.88 -3.96
CA ASN A 26 -0.97 -6.37 -3.80
C ASN A 26 -0.43 -6.99 -5.10
N SER A 27 0.40 -8.01 -4.96
CA SER A 27 0.99 -8.68 -6.16
C SER A 27 -0.04 -9.61 -6.80
N HIS A 28 -0.80 -10.33 -5.98
CA HIS A 28 -1.83 -11.27 -6.51
C HIS A 28 -2.88 -10.49 -7.29
N LEU A 29 -3.18 -9.29 -6.85
CA LEU A 29 -4.20 -8.44 -7.54
C LEU A 29 -3.54 -7.65 -8.67
N HIS A 30 -2.24 -7.42 -8.58
CA HIS A 30 -1.52 -6.65 -9.63
C HIS A 30 -2.05 -5.20 -9.64
N LYS A 31 -2.50 -4.74 -8.48
CA LYS A 31 -3.05 -3.36 -8.37
C LYS A 31 -3.04 -2.94 -6.89
N CYS A 32 -3.74 -1.88 -6.58
CA CYS A 32 -3.81 -1.39 -5.17
C CYS A 32 -5.05 -1.99 -4.50
N GLN A 33 -5.06 -1.99 -3.19
CA GLN A 33 -6.22 -2.51 -2.42
C GLN A 33 -6.34 -1.68 -1.15
N LYS A 34 -7.54 -1.51 -0.67
CA LYS A 34 -7.73 -0.71 0.56
C LYS A 34 -7.90 -1.62 1.78
N PHE A 35 -7.29 -1.26 2.88
CA PHE A 35 -7.43 -2.06 4.11
C PHE A 35 -7.93 -1.15 5.24
N ASN A 36 -8.41 -1.73 6.31
CA ASN A 36 -8.97 -0.93 7.44
C ASN A 36 -7.90 -0.74 8.50
N TYR A 37 -7.51 0.51 8.73
CA TYR A 37 -6.47 0.83 9.75
C TYR A 37 -7.15 1.54 10.93
N GLY A 38 -6.51 1.52 12.08
CA GLY A 38 -7.09 2.18 13.29
C GLY A 38 -6.17 3.31 13.75
N GLY A 39 -4.91 3.00 13.98
CA GLY A 39 -3.93 4.04 14.45
C GLY A 39 -3.21 3.51 15.69
N CYS A 40 -2.58 2.37 15.56
CA CYS A 40 -1.83 1.76 16.71
C CYS A 40 -0.44 1.33 16.25
N GLY A 41 0.08 1.95 15.21
CA GLY A 41 1.44 1.60 14.69
C GLY A 41 1.32 0.48 13.66
N GLY A 42 2.13 0.52 12.63
CA GLY A 42 2.09 -0.53 11.56
C GLY A 42 3.40 -0.51 10.77
N ASN A 43 3.44 -1.24 9.68
CA ASN A 43 4.68 -1.30 8.83
C ASN A 43 4.65 -0.15 7.81
N ALA A 44 5.52 -0.20 6.80
CA ALA A 44 5.56 0.88 5.76
C ALA A 44 4.44 0.65 4.74
N ASN A 45 4.08 -0.60 4.51
CA ASN A 45 3.01 -0.94 3.52
C ASN A 45 1.68 -0.30 3.96
N ASN A 46 1.38 0.89 3.47
CA ASN A 46 0.09 1.58 3.84
C ASN A 46 0.05 2.98 3.25
N PHE A 47 -0.94 3.26 2.44
CA PHE A 47 -1.09 4.61 1.82
C PHE A 47 -2.42 5.23 2.27
N LYS A 48 -2.81 6.32 1.65
CA LYS A 48 -4.10 6.99 1.98
C LYS A 48 -5.11 6.71 0.87
N THR A 49 -4.63 6.51 -0.35
CA THR A 49 -5.52 6.22 -1.51
C THR A 49 -4.71 5.54 -2.61
N ILE A 50 -5.36 5.26 -3.71
CA ILE A 50 -4.69 4.59 -4.87
C ILE A 50 -3.76 5.58 -5.58
N ASP A 51 -4.00 6.87 -5.43
CA ASP A 51 -3.13 7.90 -6.09
C ASP A 51 -1.69 7.71 -5.63
N GLU A 52 -1.43 7.87 -4.35
CA GLU A 52 -0.05 7.68 -3.81
C GLU A 52 0.37 6.22 -4.07
N CYS A 53 -0.61 5.32 -4.10
CA CYS A 53 -0.36 3.88 -4.36
C CYS A 53 0.23 3.71 -5.76
N GLN A 54 -0.38 4.33 -6.74
CA GLN A 54 0.09 4.22 -8.16
C GLN A 54 1.51 4.78 -8.29
N ARG A 55 1.79 5.87 -7.61
CA ARG A 55 3.15 6.51 -7.69
C ARG A 55 4.23 5.58 -7.11
N THR A 56 4.14 5.25 -5.85
CA THR A 56 5.18 4.40 -5.18
C THR A 56 5.27 2.98 -5.80
N CYS A 57 4.15 2.28 -5.92
CA CYS A 57 4.19 0.89 -6.47
C CYS A 57 3.79 0.86 -7.95
N ALA A 58 2.73 1.57 -8.30
CA ALA A 58 2.24 1.59 -9.72
C ALA A 58 1.82 0.17 -10.12
N ALA A 59 0.98 0.05 -11.13
CA ALA A 59 0.50 -1.29 -11.59
C ALA A 59 1.10 -1.62 -12.95
N LYS A 60 0.76 -0.85 -13.97
CA LYS A 60 1.28 -1.09 -15.34
C LYS A 60 2.07 0.13 -15.84
N TYR A 61 3.29 -0.09 -16.26
CA TYR A 61 4.14 1.03 -16.77
C TYR A 61 5.39 0.44 -17.45
N GLY A 62 6.02 1.22 -18.32
CA GLY A 62 7.24 0.75 -19.03
C GLY A 62 6.82 0.03 -20.32
N ARG A 63 7.55 -1.01 -20.69
CA ARG A 63 7.22 -1.77 -21.94
C ARG A 63 7.16 -3.27 -21.61
N SER A 64 6.50 -4.03 -22.45
CA SER A 64 6.38 -5.51 -22.22
C SER A 64 7.78 -6.14 -22.24
N SER A 65 7.87 -7.39 -21.84
CA SER A 65 9.20 -8.09 -21.81
C SER A 65 9.12 -9.37 -22.65
N LYS A 1 18.76 -1.42 -10.88
CA LYS A 1 17.61 -0.86 -10.12
C LYS A 1 17.97 -0.77 -8.63
N ASN A 2 17.06 -0.26 -7.83
CA ASN A 2 17.33 -0.12 -6.36
C ASN A 2 16.04 0.32 -5.65
N ARG A 3 15.06 -0.57 -5.59
CA ARG A 3 13.77 -0.24 -4.91
C ARG A 3 13.26 -1.48 -4.15
N PRO A 4 12.48 -1.26 -3.10
CA PRO A 4 11.94 -2.36 -2.27
C PRO A 4 10.73 -3.01 -2.92
N THR A 5 10.42 -4.21 -2.51
CA THR A 5 9.22 -4.93 -3.05
C THR A 5 8.14 -4.95 -1.95
N PHE A 6 8.22 -4.02 -1.01
CA PHE A 6 7.24 -3.92 0.11
C PHE A 6 5.80 -4.10 -0.38
N CYS A 7 5.52 -3.81 -1.65
CA CYS A 7 4.13 -3.99 -2.21
C CYS A 7 3.63 -5.40 -1.85
N ASN A 8 4.53 -6.34 -1.68
CA ASN A 8 4.14 -7.74 -1.30
C ASN A 8 3.98 -7.80 0.23
N LEU A 9 4.75 -6.99 0.93
CA LEU A 9 4.69 -6.94 2.44
C LEU A 9 3.25 -6.93 2.95
N LEU A 10 3.04 -7.41 4.16
CA LEU A 10 1.68 -7.43 4.77
C LEU A 10 1.69 -6.53 6.01
N PRO A 11 0.93 -5.43 5.98
CA PRO A 11 0.88 -4.50 7.13
C PRO A 11 -0.02 -5.06 8.23
N GLU A 12 -0.03 -4.41 9.37
CA GLU A 12 -0.87 -4.88 10.53
C GLU A 12 -1.77 -3.73 11.00
N THR A 13 -2.83 -4.05 11.72
CA THR A 13 -3.77 -2.99 12.22
C THR A 13 -3.18 -2.35 13.48
N GLY A 14 -2.75 -3.18 14.42
CA GLY A 14 -2.16 -2.64 15.69
C GLY A 14 -3.20 -2.71 16.82
N ARG A 15 -3.87 -3.84 16.96
CA ARG A 15 -4.90 -4.02 18.03
C ARG A 15 -5.94 -2.86 17.95
N CYS A 16 -6.11 -2.29 16.78
CA CYS A 16 -7.09 -1.19 16.59
C CYS A 16 -7.73 -1.32 15.22
N ASN A 17 -9.03 -1.30 15.17
CA ASN A 17 -9.77 -1.43 13.87
C ASN A 17 -11.03 -0.57 13.91
N ALA A 18 -11.38 0.00 12.77
CA ALA A 18 -12.60 0.87 12.67
C ALA A 18 -12.89 1.11 11.19
N LEU A 19 -12.15 2.01 10.57
CA LEU A 19 -12.35 2.31 9.11
C LEU A 19 -11.43 3.48 8.72
N ILE A 20 -10.54 3.27 7.77
CA ILE A 20 -9.62 4.34 7.31
C ILE A 20 -9.18 3.93 5.90
N PRO A 21 -9.19 4.87 4.95
CA PRO A 21 -8.80 4.55 3.57
C PRO A 21 -7.29 4.32 3.49
N ALA A 22 -6.82 3.22 4.07
CA ALA A 22 -5.37 2.88 4.00
C ALA A 22 -5.20 1.94 2.84
N PHE A 23 -4.58 2.43 1.80
CA PHE A 23 -4.43 1.64 0.55
C PHE A 23 -2.98 1.25 0.30
N TYR A 24 -2.78 0.14 -0.38
CA TYR A 24 -1.40 -0.30 -0.76
C TYR A 24 -1.48 -1.22 -1.97
N TYR A 25 -0.35 -1.62 -2.51
CA TYR A 25 -0.34 -2.48 -3.73
C TYR A 25 -0.20 -3.96 -3.40
N ASN A 26 -0.90 -4.77 -4.15
CA ASN A 26 -0.85 -6.26 -3.97
C ASN A 26 -0.25 -6.87 -5.24
N SER A 27 0.72 -7.75 -5.08
CA SER A 27 1.39 -8.41 -6.25
C SER A 27 0.40 -9.31 -7.00
N HIS A 28 -0.04 -10.38 -6.37
CA HIS A 28 -1.00 -11.33 -7.01
C HIS A 28 -2.20 -10.56 -7.56
N LEU A 29 -2.57 -9.48 -6.91
CA LEU A 29 -3.72 -8.65 -7.36
C LEU A 29 -3.28 -7.81 -8.56
N HIS A 30 -2.01 -7.43 -8.58
CA HIS A 30 -1.47 -6.61 -9.71
C HIS A 30 -2.20 -5.26 -9.74
N LYS A 31 -2.60 -4.79 -8.58
CA LYS A 31 -3.32 -3.48 -8.49
C LYS A 31 -3.24 -2.97 -7.04
N CYS A 32 -3.96 -1.91 -6.75
CA CYS A 32 -3.95 -1.35 -5.37
C CYS A 32 -5.11 -1.96 -4.59
N GLN A 33 -5.00 -1.99 -3.29
CA GLN A 33 -6.06 -2.55 -2.42
C GLN A 33 -6.21 -1.66 -1.20
N LYS A 34 -7.42 -1.53 -0.71
CA LYS A 34 -7.66 -0.68 0.49
C LYS A 34 -7.77 -1.60 1.72
N PHE A 35 -7.30 -1.14 2.85
CA PHE A 35 -7.36 -1.96 4.09
C PHE A 35 -7.80 -1.08 5.27
N ASN A 36 -8.15 -1.70 6.39
CA ASN A 36 -8.64 -0.94 7.57
C ASN A 36 -7.50 -0.65 8.55
N TYR A 37 -7.49 0.53 9.12
CA TYR A 37 -6.44 0.93 10.10
C TYR A 37 -7.05 1.84 11.17
N GLY A 38 -6.36 2.04 12.26
CA GLY A 38 -6.88 2.90 13.37
C GLY A 38 -5.87 3.99 13.70
N GLY A 39 -4.74 3.61 14.28
CA GLY A 39 -3.68 4.61 14.65
C GLY A 39 -2.95 4.13 15.91
N CYS A 40 -2.55 2.88 15.93
CA CYS A 40 -1.82 2.32 17.11
C CYS A 40 -0.51 1.66 16.65
N GLY A 41 -0.59 0.83 15.63
CA GLY A 41 0.62 0.13 15.10
C GLY A 41 0.38 -0.29 13.65
N GLY A 42 1.12 0.30 12.73
CA GLY A 42 0.96 -0.06 11.28
C GLY A 42 2.33 -0.14 10.61
N ASN A 43 2.49 -1.04 9.66
CA ASN A 43 3.78 -1.20 8.94
C ASN A 43 3.97 -0.06 7.95
N ALA A 44 4.98 -0.15 7.11
CA ALA A 44 5.26 0.92 6.10
C ALA A 44 4.25 0.84 4.95
N ASN A 45 3.82 -0.36 4.62
CA ASN A 45 2.84 -0.54 3.50
C ASN A 45 1.48 0.02 3.91
N ASN A 46 1.20 1.25 3.51
CA ASN A 46 -0.11 1.88 3.84
C ASN A 46 -0.16 3.30 3.28
N PHE A 47 -1.08 3.55 2.38
CA PHE A 47 -1.21 4.93 1.76
C PHE A 47 -2.56 5.52 2.16
N LYS A 48 -3.03 6.52 1.42
CA LYS A 48 -4.34 7.16 1.74
C LYS A 48 -5.34 6.88 0.62
N THR A 49 -4.86 6.65 -0.59
CA THR A 49 -5.77 6.36 -1.73
C THR A 49 -4.99 5.62 -2.83
N ILE A 50 -5.62 5.43 -3.96
CA ILE A 50 -4.98 4.73 -5.11
C ILE A 50 -3.94 5.63 -5.79
N ASP A 51 -4.08 6.93 -5.65
CA ASP A 51 -3.12 7.88 -6.29
C ASP A 51 -1.71 7.68 -5.73
N GLU A 52 -1.51 7.96 -4.47
CA GLU A 52 -0.16 7.78 -3.84
C GLU A 52 0.23 6.29 -3.92
N CYS A 53 -0.75 5.43 -3.88
CA CYS A 53 -0.51 3.95 -3.96
C CYS A 53 0.01 3.59 -5.35
N GLN A 54 -0.42 4.31 -6.36
CA GLN A 54 0.01 4.03 -7.76
C GLN A 54 1.48 4.41 -7.96
N ARG A 55 1.84 5.64 -7.65
CA ARG A 55 3.25 6.12 -7.84
C ARG A 55 4.27 5.27 -7.07
N THR A 56 4.11 5.15 -5.77
CA THR A 56 5.10 4.39 -4.93
C THR A 56 5.23 2.92 -5.35
N CYS A 57 4.14 2.19 -5.51
CA CYS A 57 4.24 0.73 -5.90
C CYS A 57 4.16 0.59 -7.42
N ALA A 58 3.17 1.19 -8.03
CA ALA A 58 3.03 1.11 -9.52
C ALA A 58 3.85 2.24 -10.17
N ALA A 59 3.64 2.49 -11.44
CA ALA A 59 4.39 3.58 -12.14
C ALA A 59 3.95 3.68 -13.60
N LYS A 60 4.29 4.78 -14.24
CA LYS A 60 3.91 5.00 -15.67
C LYS A 60 5.11 5.64 -16.40
N TYR A 61 6.27 5.06 -16.21
CA TYR A 61 7.53 5.59 -16.83
C TYR A 61 7.36 5.76 -18.34
N GLY A 62 8.40 6.22 -18.99
CA GLY A 62 8.39 6.42 -20.47
C GLY A 62 9.79 6.81 -20.93
N ARG A 63 9.92 7.37 -22.11
CA ARG A 63 11.26 7.78 -22.63
C ARG A 63 11.30 9.29 -22.83
N SER A 64 12.45 9.90 -22.58
CA SER A 64 12.60 11.38 -22.75
C SER A 64 12.91 11.70 -24.22
N SER A 65 12.68 12.93 -24.63
CA SER A 65 12.95 13.33 -26.05
C SER A 65 12.17 12.44 -27.02
N LYS A 1 19.01 -1.79 -6.30
CA LYS A 1 18.20 -0.55 -6.11
C LYS A 1 18.12 -0.20 -4.62
N ASN A 2 17.45 0.87 -4.29
CA ASN A 2 17.32 1.30 -2.86
C ASN A 2 15.84 1.55 -2.52
N ARG A 3 14.95 0.86 -3.21
CA ARG A 3 13.47 1.03 -2.96
C ARG A 3 13.02 0.02 -1.89
N PRO A 4 11.87 0.26 -1.27
CA PRO A 4 11.32 -0.63 -0.24
C PRO A 4 10.68 -1.86 -0.89
N THR A 5 9.89 -1.62 -1.92
CA THR A 5 9.19 -2.73 -2.63
C THR A 5 8.29 -3.49 -1.66
N PHE A 6 7.83 -2.81 -0.62
CA PHE A 6 6.93 -3.44 0.39
C PHE A 6 5.61 -3.94 -0.26
N CYS A 7 5.37 -3.65 -1.53
CA CYS A 7 4.11 -4.13 -2.23
C CYS A 7 3.96 -5.63 -2.02
N ASN A 8 5.06 -6.33 -1.88
CA ASN A 8 5.03 -7.82 -1.65
C ASN A 8 5.28 -8.07 -0.16
N LEU A 9 4.83 -7.15 0.68
CA LEU A 9 5.03 -7.27 2.15
C LEU A 9 3.67 -7.36 2.85
N LEU A 10 3.63 -8.01 4.00
CA LEU A 10 2.36 -8.13 4.78
C LEU A 10 2.38 -7.13 5.94
N PRO A 11 1.53 -6.10 5.89
CA PRO A 11 1.48 -5.07 6.96
C PRO A 11 0.73 -5.59 8.18
N GLU A 12 0.41 -4.71 9.10
CA GLU A 12 -0.33 -5.11 10.34
C GLU A 12 -1.22 -3.96 10.80
N THR A 13 -2.44 -4.26 11.20
CA THR A 13 -3.38 -3.20 11.68
C THR A 13 -3.02 -2.79 13.10
N GLY A 14 -2.62 -3.75 13.91
CA GLY A 14 -2.23 -3.46 15.33
C GLY A 14 -3.41 -3.74 16.27
N ARG A 15 -4.16 -4.77 15.98
CA ARG A 15 -5.33 -5.15 16.84
C ARG A 15 -6.32 -3.98 16.89
N CYS A 16 -6.39 -3.20 15.84
CA CYS A 16 -7.33 -2.04 15.78
C CYS A 16 -7.91 -1.95 14.38
N ASN A 17 -9.22 -1.90 14.29
CA ASN A 17 -9.91 -1.82 12.96
C ASN A 17 -11.17 -0.95 13.09
N ALA A 18 -11.54 -0.27 12.02
CA ALA A 18 -12.76 0.59 12.03
C ALA A 18 -13.10 0.99 10.58
N LEU A 19 -12.43 1.99 10.06
CA LEU A 19 -12.67 2.45 8.65
C LEU A 19 -11.77 3.65 8.34
N ILE A 20 -10.81 3.47 7.46
CA ILE A 20 -9.89 4.57 7.07
C ILE A 20 -9.36 4.20 5.67
N PRO A 21 -9.23 5.16 4.79
CA PRO A 21 -8.76 4.89 3.44
C PRO A 21 -7.28 4.50 3.44
N ALA A 22 -6.99 3.30 3.94
CA ALA A 22 -5.59 2.81 3.94
C ALA A 22 -5.45 1.98 2.70
N PHE A 23 -4.46 2.27 1.88
CA PHE A 23 -4.32 1.56 0.58
C PHE A 23 -2.88 1.13 0.34
N TYR A 24 -2.68 -0.03 -0.26
CA TYR A 24 -1.31 -0.49 -0.62
C TYR A 24 -1.38 -1.42 -1.83
N TYR A 25 -0.25 -1.87 -2.33
CA TYR A 25 -0.24 -2.75 -3.54
C TYR A 25 -0.21 -4.23 -3.18
N ASN A 26 -0.99 -4.99 -3.89
CA ASN A 26 -1.06 -6.47 -3.67
C ASN A 26 -0.58 -7.18 -4.93
N SER A 27 0.33 -8.13 -4.77
CA SER A 27 0.88 -8.88 -5.95
C SER A 27 -0.19 -9.78 -6.57
N HIS A 28 -0.93 -10.49 -5.74
CA HIS A 28 -2.01 -11.40 -6.26
C HIS A 28 -3.00 -10.60 -7.11
N LEU A 29 -3.39 -9.44 -6.62
CA LEU A 29 -4.37 -8.59 -7.38
C LEU A 29 -3.64 -7.85 -8.50
N HIS A 30 -2.35 -7.64 -8.36
CA HIS A 30 -1.56 -6.92 -9.41
C HIS A 30 -2.09 -5.48 -9.51
N LYS A 31 -2.56 -4.96 -8.39
CA LYS A 31 -3.11 -3.57 -8.34
C LYS A 31 -3.07 -3.09 -6.89
N CYS A 32 -3.79 -2.02 -6.60
CA CYS A 32 -3.82 -1.48 -5.21
C CYS A 32 -5.04 -2.05 -4.49
N GLN A 33 -4.98 -2.06 -3.18
CA GLN A 33 -6.12 -2.58 -2.37
C GLN A 33 -6.25 -1.70 -1.14
N LYS A 34 -7.45 -1.48 -0.70
CA LYS A 34 -7.68 -0.63 0.49
C LYS A 34 -7.85 -1.52 1.72
N PHE A 35 -7.16 -1.21 2.80
CA PHE A 35 -7.29 -2.01 4.04
C PHE A 35 -7.80 -1.11 5.16
N ASN A 36 -8.31 -1.70 6.21
CA ASN A 36 -8.89 -0.91 7.34
C ASN A 36 -7.85 -0.72 8.44
N TYR A 37 -7.76 0.51 8.94
CA TYR A 37 -6.78 0.82 10.02
C TYR A 37 -7.53 1.37 11.23
N GLY A 38 -6.90 1.34 12.39
CA GLY A 38 -7.57 1.84 13.64
C GLY A 38 -6.78 3.03 14.21
N GLY A 39 -5.47 2.90 14.25
CA GLY A 39 -4.61 4.00 14.82
C GLY A 39 -3.81 3.46 15.99
N CYS A 40 -3.10 2.37 15.78
CA CYS A 40 -2.29 1.75 16.86
C CYS A 40 -0.87 1.46 16.36
N GLY A 41 -0.76 0.68 15.31
CA GLY A 41 0.59 0.34 14.76
C GLY A 41 0.44 -0.34 13.40
N GLY A 42 1.50 -0.35 12.61
CA GLY A 42 1.46 -1.00 11.26
C GLY A 42 2.82 -0.86 10.58
N ASN A 43 3.11 -1.72 9.63
CA ASN A 43 4.42 -1.67 8.89
C ASN A 43 4.41 -0.47 7.93
N ALA A 44 5.40 -0.40 7.04
CA ALA A 44 5.49 0.74 6.08
C ALA A 44 4.40 0.63 5.00
N ASN A 45 4.11 -0.57 4.55
CA ASN A 45 3.07 -0.77 3.50
C ASN A 45 1.72 -0.19 3.96
N ASN A 46 1.40 1.01 3.49
CA ASN A 46 0.09 1.67 3.85
C ASN A 46 0.06 3.07 3.24
N PHE A 47 -0.95 3.35 2.44
CA PHE A 47 -1.08 4.70 1.80
C PHE A 47 -2.40 5.36 2.20
N LYS A 48 -2.73 6.46 1.54
CA LYS A 48 -4.01 7.18 1.85
C LYS A 48 -5.07 6.82 0.80
N THR A 49 -4.63 6.51 -0.40
CA THR A 49 -5.59 6.14 -1.49
C THR A 49 -4.79 5.57 -2.66
N ILE A 50 -5.44 5.40 -3.79
CA ILE A 50 -4.76 4.83 -5.00
C ILE A 50 -3.79 5.84 -5.63
N ASP A 51 -3.93 7.12 -5.32
CA ASP A 51 -3.02 8.15 -5.92
C ASP A 51 -1.58 7.92 -5.41
N GLU A 52 -1.40 7.76 -4.12
CA GLU A 52 -0.04 7.50 -3.56
C GLU A 52 0.33 6.06 -3.91
N CYS A 53 -0.66 5.19 -3.95
CA CYS A 53 -0.45 3.75 -4.29
C CYS A 53 0.09 3.62 -5.72
N GLN A 54 -0.48 4.36 -6.64
CA GLN A 54 -0.06 4.29 -8.08
C GLN A 54 1.36 4.83 -8.25
N ARG A 55 1.70 5.92 -7.59
CA ARG A 55 3.06 6.52 -7.75
C ARG A 55 4.13 5.68 -7.02
N THR A 56 3.83 5.19 -5.84
CA THR A 56 4.83 4.41 -5.05
C THR A 56 5.13 3.03 -5.68
N CYS A 57 4.12 2.24 -6.00
CA CYS A 57 4.38 0.89 -6.59
C CYS A 57 4.35 0.91 -8.11
N ALA A 58 3.34 1.52 -8.70
CA ALA A 58 3.24 1.57 -10.20
C ALA A 58 4.34 2.46 -10.77
N ALA A 59 4.67 3.53 -10.06
CA ALA A 59 5.74 4.46 -10.53
C ALA A 59 5.34 5.04 -11.90
N LYS A 60 4.90 6.29 -11.92
CA LYS A 60 4.49 6.93 -13.20
C LYS A 60 5.39 8.14 -13.48
N TYR A 61 5.01 8.97 -14.41
CA TYR A 61 5.83 10.18 -14.76
C TYR A 61 6.00 11.05 -13.52
N GLY A 62 6.88 12.03 -13.59
CA GLY A 62 7.13 12.94 -12.43
C GLY A 62 8.23 13.94 -12.80
N ARG A 63 9.26 14.02 -11.99
CA ARG A 63 10.39 14.96 -12.27
C ARG A 63 11.59 14.16 -12.80
N SER A 64 12.67 14.84 -13.07
CA SER A 64 13.90 14.16 -13.59
C SER A 64 14.70 13.59 -12.42
N SER A 65 15.82 12.95 -12.72
CA SER A 65 16.67 12.36 -11.65
C SER A 65 17.61 13.43 -11.08
N LYS A 1 14.65 5.70 -4.91
CA LYS A 1 15.89 5.09 -4.34
C LYS A 1 15.75 3.56 -4.35
N ASN A 2 16.42 2.90 -5.27
CA ASN A 2 16.36 1.41 -5.37
C ASN A 2 14.92 0.97 -5.62
N ARG A 3 14.74 -0.23 -6.13
CA ARG A 3 13.38 -0.77 -6.41
C ARG A 3 13.10 -1.97 -5.48
N PRO A 4 12.45 -1.72 -4.34
CA PRO A 4 12.12 -2.78 -3.36
C PRO A 4 10.89 -3.57 -3.81
N THR A 5 10.44 -4.49 -2.99
CA THR A 5 9.23 -5.30 -3.32
C THR A 5 8.21 -5.24 -2.18
N PHE A 6 8.38 -4.30 -1.27
CA PHE A 6 7.45 -4.12 -0.10
C PHE A 6 5.97 -4.28 -0.50
N CYS A 7 5.63 -3.98 -1.75
CA CYS A 7 4.21 -4.12 -2.25
C CYS A 7 3.65 -5.49 -1.85
N ASN A 8 4.50 -6.50 -1.82
CA ASN A 8 4.06 -7.87 -1.42
C ASN A 8 4.05 -7.97 0.11
N LEU A 9 4.90 -7.21 0.76
CA LEU A 9 5.01 -7.20 2.26
C LEU A 9 3.61 -7.18 2.92
N LEU A 10 3.51 -7.80 4.08
CA LEU A 10 2.22 -7.85 4.82
C LEU A 10 2.24 -6.71 5.88
N PRO A 11 1.44 -5.67 5.70
CA PRO A 11 1.40 -4.54 6.65
C PRO A 11 0.65 -4.91 7.93
N GLU A 12 0.70 -4.03 8.91
CA GLU A 12 0.01 -4.28 10.21
C GLU A 12 -0.88 -3.07 10.54
N THR A 13 -1.80 -3.23 11.45
CA THR A 13 -2.71 -2.10 11.84
C THR A 13 -2.10 -1.33 13.01
N GLY A 14 -1.60 -2.05 13.99
CA GLY A 14 -0.97 -1.40 15.19
C GLY A 14 -1.89 -1.55 16.40
N ARG A 15 -2.48 -2.72 16.55
CA ARG A 15 -3.41 -2.98 17.70
C ARG A 15 -4.55 -1.95 17.69
N CYS A 16 -4.92 -1.49 16.51
CA CYS A 16 -6.02 -0.49 16.39
C CYS A 16 -6.84 -0.81 15.14
N ASN A 17 -8.13 -0.93 15.32
CA ASN A 17 -9.04 -1.26 14.17
C ASN A 17 -10.05 -0.11 13.96
N ALA A 18 -10.17 0.34 12.73
CA ALA A 18 -11.12 1.45 12.40
C ALA A 18 -11.13 1.65 10.88
N LEU A 19 -12.30 1.85 10.31
CA LEU A 19 -12.40 2.06 8.83
C LEU A 19 -11.62 3.31 8.44
N ILE A 20 -10.65 3.15 7.57
CA ILE A 20 -9.82 4.29 7.10
C ILE A 20 -9.29 3.91 5.73
N PRO A 21 -9.26 4.84 4.78
CA PRO A 21 -8.78 4.54 3.42
C PRO A 21 -7.27 4.28 3.42
N ALA A 22 -6.85 3.16 4.01
CA ALA A 22 -5.39 2.82 3.99
C ALA A 22 -5.18 1.90 2.81
N PHE A 23 -4.56 2.41 1.80
CA PHE A 23 -4.37 1.65 0.53
C PHE A 23 -2.93 1.23 0.31
N TYR A 24 -2.74 0.13 -0.40
CA TYR A 24 -1.37 -0.32 -0.77
C TYR A 24 -1.46 -1.27 -1.98
N TYR A 25 -0.34 -1.68 -2.50
CA TYR A 25 -0.33 -2.54 -3.72
C TYR A 25 -0.25 -4.02 -3.38
N ASN A 26 -1.06 -4.80 -4.07
CA ASN A 26 -1.11 -6.28 -3.87
C ASN A 26 -0.63 -6.96 -5.15
N SER A 27 0.26 -7.91 -5.03
CA SER A 27 0.80 -8.64 -6.21
C SER A 27 -0.29 -9.51 -6.85
N HIS A 28 -0.93 -10.35 -6.04
CA HIS A 28 -2.00 -11.26 -6.57
C HIS A 28 -3.06 -10.44 -7.34
N LEU A 29 -3.33 -9.24 -6.90
CA LEU A 29 -4.34 -8.38 -7.59
C LEU A 29 -3.66 -7.60 -8.72
N HIS A 30 -2.37 -7.38 -8.61
CA HIS A 30 -1.62 -6.65 -9.68
C HIS A 30 -2.17 -5.21 -9.75
N LYS A 31 -2.60 -4.70 -8.61
CA LYS A 31 -3.17 -3.31 -8.55
C LYS A 31 -3.15 -2.84 -7.10
N CYS A 32 -3.80 -1.73 -6.82
CA CYS A 32 -3.85 -1.21 -5.42
C CYS A 32 -5.10 -1.73 -4.73
N GLN A 33 -5.07 -1.79 -3.42
CA GLN A 33 -6.24 -2.26 -2.64
C GLN A 33 -6.30 -1.48 -1.34
N LYS A 34 -7.46 -1.38 -0.75
CA LYS A 34 -7.63 -0.62 0.52
C LYS A 34 -7.64 -1.60 1.69
N PHE A 35 -7.32 -1.11 2.86
CA PHE A 35 -7.31 -1.98 4.07
C PHE A 35 -7.70 -1.14 5.30
N ASN A 36 -7.81 -1.79 6.44
CA ASN A 36 -8.23 -1.08 7.70
C ASN A 36 -7.00 -0.62 8.50
N TYR A 37 -6.97 0.65 8.83
CA TYR A 37 -5.85 1.23 9.63
C TYR A 37 -6.43 2.10 10.75
N GLY A 38 -5.63 2.43 11.74
CA GLY A 38 -6.10 3.27 12.88
C GLY A 38 -5.19 4.49 13.03
N GLY A 39 -3.91 4.24 13.28
CA GLY A 39 -2.94 5.37 13.46
C GLY A 39 -2.14 5.16 14.75
N CYS A 40 -1.76 3.93 15.03
CA CYS A 40 -0.97 3.63 16.28
C CYS A 40 0.43 3.14 15.89
N GLY A 41 0.56 2.55 14.72
CA GLY A 41 1.88 2.03 14.26
C GLY A 41 1.67 1.07 13.11
N GLY A 42 2.30 1.31 11.98
CA GLY A 42 2.14 0.41 10.79
C GLY A 42 3.48 0.25 10.07
N ASN A 43 3.44 -0.20 8.84
CA ASN A 43 4.70 -0.41 8.04
C ASN A 43 4.70 0.52 6.83
N ALA A 44 5.67 0.36 5.95
CA ALA A 44 5.77 1.21 4.72
C ALA A 44 4.59 0.91 3.79
N ASN A 45 4.10 -0.30 3.82
CA ASN A 45 2.95 -0.69 2.93
C ASN A 45 1.64 -0.12 3.50
N ASN A 46 1.34 1.11 3.16
CA ASN A 46 0.09 1.77 3.67
C ASN A 46 0.03 3.20 3.12
N PHE A 47 -1.00 3.52 2.37
CA PHE A 47 -1.15 4.89 1.78
C PHE A 47 -2.53 5.45 2.11
N LYS A 48 -2.96 6.45 1.37
CA LYS A 48 -4.31 7.07 1.62
C LYS A 48 -5.30 6.69 0.51
N THR A 49 -4.84 6.67 -0.74
CA THR A 49 -5.74 6.32 -1.87
C THR A 49 -4.95 5.55 -2.93
N ILE A 50 -5.55 5.32 -4.07
CA ILE A 50 -4.88 4.55 -5.17
C ILE A 50 -3.86 5.46 -5.90
N ASP A 51 -4.05 6.77 -5.83
CA ASP A 51 -3.11 7.71 -6.52
C ASP A 51 -1.71 7.55 -5.93
N GLU A 52 -1.52 7.99 -4.71
CA GLU A 52 -0.18 7.87 -4.04
C GLU A 52 0.23 6.40 -4.00
N CYS A 53 -0.74 5.52 -3.86
CA CYS A 53 -0.47 4.05 -3.83
C CYS A 53 0.05 3.60 -5.19
N GLN A 54 -0.49 4.20 -6.24
CA GLN A 54 -0.04 3.84 -7.64
C GLN A 54 1.41 4.27 -7.84
N ARG A 55 1.73 5.50 -7.51
CA ARG A 55 3.13 6.02 -7.69
C ARG A 55 4.12 5.23 -6.84
N THR A 56 3.86 5.14 -5.54
CA THR A 56 4.79 4.41 -4.61
C THR A 56 5.06 2.97 -5.09
N CYS A 57 4.04 2.18 -5.33
CA CYS A 57 4.26 0.76 -5.79
C CYS A 57 4.19 0.71 -7.32
N ALA A 58 3.02 0.96 -7.88
CA ALA A 58 2.86 0.93 -9.37
C ALA A 58 3.28 -0.45 -9.91
N ALA A 59 3.69 -0.53 -11.16
CA ALA A 59 4.13 -1.83 -11.78
C ALA A 59 2.91 -2.71 -12.08
N LYS A 60 2.43 -2.63 -13.31
CA LYS A 60 1.25 -3.45 -13.72
C LYS A 60 1.62 -4.26 -14.96
N TYR A 61 2.17 -3.60 -15.96
CA TYR A 61 2.60 -4.28 -17.21
C TYR A 61 3.55 -3.37 -17.98
N GLY A 62 3.06 -2.24 -18.45
CA GLY A 62 3.92 -1.28 -19.21
C GLY A 62 3.42 -1.13 -20.65
N ARG A 63 4.19 -1.60 -21.60
CA ARG A 63 3.79 -1.51 -23.05
C ARG A 63 3.79 -0.04 -23.48
N SER A 64 4.89 0.42 -24.06
CA SER A 64 4.98 1.84 -24.52
C SER A 64 4.18 2.02 -25.81
N SER A 65 4.15 0.99 -26.64
CA SER A 65 3.40 1.07 -27.93
C SER A 65 1.90 1.16 -27.66
N LYS A 1 16.06 0.73 -11.34
CA LYS A 1 17.40 0.19 -11.02
C LYS A 1 17.51 -0.06 -9.52
N ASN A 2 16.84 0.76 -8.73
CA ASN A 2 16.88 0.60 -7.24
C ASN A 2 15.50 0.91 -6.66
N ARG A 3 14.70 -0.12 -6.44
CA ARG A 3 13.33 0.07 -5.88
C ARG A 3 13.03 -1.11 -4.92
N PRO A 4 12.24 -0.86 -3.88
CA PRO A 4 11.89 -1.90 -2.87
C PRO A 4 10.74 -2.76 -3.39
N THR A 5 10.34 -3.74 -2.60
CA THR A 5 9.20 -4.63 -2.98
C THR A 5 8.23 -4.72 -1.79
N PHE A 6 8.29 -3.76 -0.88
CA PHE A 6 7.40 -3.73 0.32
C PHE A 6 5.94 -4.07 -0.07
N CYS A 7 5.54 -3.77 -1.29
CA CYS A 7 4.14 -4.10 -1.75
C CYS A 7 3.82 -5.57 -1.45
N ASN A 8 4.84 -6.41 -1.42
CA ASN A 8 4.65 -7.86 -1.12
C ASN A 8 5.12 -8.11 0.33
N LEU A 9 4.93 -7.13 1.19
CA LEU A 9 5.37 -7.24 2.62
C LEU A 9 4.18 -7.56 3.52
N LEU A 10 2.99 -7.18 3.11
CA LEU A 10 1.76 -7.43 3.94
C LEU A 10 1.88 -6.63 5.25
N PRO A 11 1.27 -5.44 5.31
CA PRO A 11 1.33 -4.57 6.51
C PRO A 11 0.41 -5.10 7.61
N GLU A 12 0.24 -4.34 8.66
CA GLU A 12 -0.64 -4.77 9.80
C GLU A 12 -1.31 -3.52 10.41
N THR A 13 -2.37 -3.73 11.16
CA THR A 13 -3.10 -2.59 11.80
C THR A 13 -2.27 -2.08 12.99
N GLY A 14 -1.63 -2.98 13.70
CA GLY A 14 -0.80 -2.59 14.88
C GLY A 14 -1.52 -3.03 16.16
N ARG A 15 -2.60 -2.35 16.48
CA ARG A 15 -3.39 -2.70 17.71
C ARG A 15 -4.63 -1.79 17.80
N CYS A 16 -5.17 -1.41 16.66
CA CYS A 16 -6.38 -0.53 16.62
C CYS A 16 -7.14 -0.80 15.32
N ASN A 17 -8.44 -0.99 15.41
CA ASN A 17 -9.26 -1.27 14.19
C ASN A 17 -10.28 -0.15 13.96
N ALA A 18 -10.30 0.40 12.77
CA ALA A 18 -11.26 1.51 12.43
C ALA A 18 -11.29 1.70 10.92
N LEU A 19 -12.44 2.04 10.38
CA LEU A 19 -12.57 2.25 8.91
C LEU A 19 -11.74 3.48 8.50
N ILE A 20 -10.77 3.28 7.63
CA ILE A 20 -9.91 4.38 7.16
C ILE A 20 -9.38 3.96 5.78
N PRO A 21 -9.31 4.88 4.82
CA PRO A 21 -8.85 4.54 3.48
C PRO A 21 -7.34 4.26 3.48
N ALA A 22 -6.95 3.13 4.04
CA ALA A 22 -5.51 2.74 4.05
C ALA A 22 -5.27 1.82 2.88
N PHE A 23 -4.69 2.35 1.84
CA PHE A 23 -4.48 1.56 0.59
C PHE A 23 -3.02 1.19 0.38
N TYR A 24 -2.79 0.07 -0.25
CA TYR A 24 -1.38 -0.35 -0.58
C TYR A 24 -1.43 -1.28 -1.81
N TYR A 25 -0.28 -1.58 -2.38
CA TYR A 25 -0.24 -2.43 -3.62
C TYR A 25 -0.18 -3.91 -3.29
N ASN A 26 -1.05 -4.66 -3.93
CA ASN A 26 -1.11 -6.14 -3.74
C ASN A 26 -0.61 -6.82 -5.02
N SER A 27 0.37 -7.68 -4.88
CA SER A 27 0.94 -8.39 -6.07
C SER A 27 -0.07 -9.40 -6.63
N HIS A 28 -1.08 -9.75 -5.86
CA HIS A 28 -2.10 -10.75 -6.34
C HIS A 28 -2.85 -10.18 -7.56
N LEU A 29 -3.59 -9.12 -7.37
CA LEU A 29 -4.37 -8.51 -8.50
C LEU A 29 -3.49 -7.55 -9.32
N HIS A 30 -2.23 -7.38 -8.94
CA HIS A 30 -1.32 -6.47 -9.70
C HIS A 30 -1.91 -5.05 -9.67
N LYS A 31 -2.49 -4.68 -8.54
CA LYS A 31 -3.10 -3.32 -8.42
C LYS A 31 -3.10 -2.91 -6.94
N CYS A 32 -3.80 -1.84 -6.62
CA CYS A 32 -3.86 -1.36 -5.22
C CYS A 32 -5.10 -1.92 -4.54
N GLN A 33 -5.06 -2.00 -3.23
CA GLN A 33 -6.21 -2.50 -2.45
C GLN A 33 -6.33 -1.66 -1.19
N LYS A 34 -7.53 -1.52 -0.67
CA LYS A 34 -7.73 -0.71 0.57
C LYS A 34 -7.83 -1.65 1.77
N PHE A 35 -7.43 -1.17 2.92
CA PHE A 35 -7.49 -2.01 4.16
C PHE A 35 -7.93 -1.14 5.35
N ASN A 36 -8.20 -1.78 6.47
CA ASN A 36 -8.68 -1.06 7.69
C ASN A 36 -7.51 -0.70 8.61
N TYR A 37 -7.39 0.56 8.96
CA TYR A 37 -6.30 1.03 9.85
C TYR A 37 -6.92 1.85 10.99
N GLY A 38 -6.19 2.02 12.08
CA GLY A 38 -6.71 2.80 13.24
C GLY A 38 -5.76 3.97 13.55
N GLY A 39 -4.53 3.65 13.89
CA GLY A 39 -3.52 4.73 14.21
C GLY A 39 -2.83 4.38 15.52
N CYS A 40 -2.27 3.19 15.60
CA CYS A 40 -1.55 2.76 16.85
C CYS A 40 -0.30 1.96 16.47
N GLY A 41 0.27 2.26 15.31
CA GLY A 41 1.50 1.55 14.85
C GLY A 41 1.14 0.61 13.69
N GLY A 42 2.11 0.32 12.85
CA GLY A 42 1.85 -0.59 11.68
C GLY A 42 3.12 -0.69 10.82
N ASN A 43 3.00 -1.24 9.63
CA ASN A 43 4.19 -1.38 8.73
C ASN A 43 4.30 -0.14 7.84
N ALA A 44 5.22 -0.16 6.90
CA ALA A 44 5.41 1.01 5.97
C ALA A 44 4.39 0.95 4.83
N ASN A 45 3.80 -0.20 4.60
CA ASN A 45 2.80 -0.35 3.49
C ASN A 45 1.44 0.18 3.95
N ASN A 46 1.11 1.39 3.55
CA ASN A 46 -0.20 2.00 3.94
C ASN A 46 -0.30 3.41 3.34
N PHE A 47 -1.23 3.60 2.44
CA PHE A 47 -1.41 4.94 1.79
C PHE A 47 -2.81 5.48 2.10
N LYS A 48 -3.26 6.45 1.33
CA LYS A 48 -4.62 7.04 1.56
C LYS A 48 -5.55 6.65 0.41
N THR A 49 -5.02 6.52 -0.79
CA THR A 49 -5.84 6.14 -1.97
C THR A 49 -4.93 5.51 -3.03
N ILE A 50 -5.47 5.25 -4.19
CA ILE A 50 -4.69 4.63 -5.30
C ILE A 50 -3.71 5.66 -5.90
N ASP A 51 -3.87 6.94 -5.59
CA ASP A 51 -2.95 7.97 -6.15
C ASP A 51 -1.55 7.72 -5.60
N GLU A 52 -1.38 7.90 -4.30
CA GLU A 52 -0.06 7.66 -3.65
C GLU A 52 0.35 6.19 -3.87
N CYS A 53 -0.64 5.33 -3.99
CA CYS A 53 -0.40 3.88 -4.21
C CYS A 53 0.21 3.66 -5.60
N GLN A 54 -0.44 4.20 -6.61
CA GLN A 54 0.03 4.03 -8.02
C GLN A 54 1.45 4.61 -8.19
N ARG A 55 1.70 5.76 -7.61
CA ARG A 55 3.04 6.42 -7.76
C ARG A 55 4.17 5.63 -7.08
N THR A 56 3.93 5.10 -5.89
CA THR A 56 5.00 4.37 -5.14
C THR A 56 5.24 2.94 -5.66
N CYS A 57 4.19 2.14 -5.82
CA CYS A 57 4.40 0.72 -6.30
C CYS A 57 4.32 0.64 -7.83
N ALA A 58 3.32 1.25 -8.42
CA ALA A 58 3.19 1.20 -9.92
C ALA A 58 4.31 2.00 -10.57
N ALA A 59 5.33 1.30 -11.05
CA ALA A 59 6.50 2.00 -11.70
C ALA A 59 6.63 1.56 -13.16
N LYS A 60 6.14 0.38 -13.50
CA LYS A 60 6.22 -0.11 -14.92
C LYS A 60 5.56 0.89 -15.86
N TYR A 61 6.34 1.77 -16.45
CA TYR A 61 5.79 2.80 -17.38
C TYR A 61 5.90 2.28 -18.83
N GLY A 62 5.02 2.72 -19.69
CA GLY A 62 5.04 2.27 -21.12
C GLY A 62 4.09 1.10 -21.30
N ARG A 63 2.80 1.37 -21.41
CA ARG A 63 1.79 0.29 -21.59
C ARG A 63 2.09 -0.51 -22.86
N SER A 64 1.76 -1.78 -22.86
CA SER A 64 2.01 -2.65 -24.05
C SER A 64 0.86 -2.51 -25.04
N SER A 65 1.13 -1.94 -26.20
CA SER A 65 0.07 -1.76 -27.24
C SER A 65 0.39 -2.62 -28.45
N LYS A 1 15.84 5.93 -6.58
CA LYS A 1 16.82 5.45 -5.56
C LYS A 1 16.07 4.97 -4.32
N ASN A 2 16.53 3.89 -3.73
CA ASN A 2 15.87 3.34 -2.51
C ASN A 2 14.42 2.94 -2.83
N ARG A 3 14.19 1.66 -3.08
CA ARG A 3 12.82 1.17 -3.42
C ARG A 3 12.56 -0.14 -2.64
N PRO A 4 11.69 -0.09 -1.62
CA PRO A 4 11.38 -1.29 -0.80
C PRO A 4 10.38 -2.19 -1.54
N THR A 5 10.41 -3.48 -1.24
CA THR A 5 9.46 -4.44 -1.88
C THR A 5 8.22 -4.63 -0.98
N PHE A 6 8.08 -3.79 0.04
CA PHE A 6 6.93 -3.87 0.99
C PHE A 6 5.60 -4.24 0.29
N CYS A 7 5.45 -3.87 -0.98
CA CYS A 7 4.19 -4.19 -1.74
C CYS A 7 3.80 -5.67 -1.52
N ASN A 8 4.78 -6.51 -1.29
CA ASN A 8 4.52 -7.96 -1.03
C ASN A 8 4.35 -8.13 0.48
N LEU A 9 5.11 -7.36 1.24
CA LEU A 9 5.04 -7.40 2.74
C LEU A 9 3.62 -7.04 3.19
N LEU A 10 3.16 -7.65 4.27
CA LEU A 10 1.80 -7.35 4.79
C LEU A 10 1.93 -6.39 5.99
N PRO A 11 1.09 -5.36 6.07
CA PRO A 11 1.14 -4.39 7.18
C PRO A 11 0.47 -4.94 8.45
N GLU A 12 0.32 -4.11 9.44
CA GLU A 12 -0.33 -4.52 10.72
C GLU A 12 -1.52 -3.61 11.00
N THR A 13 -2.63 -4.16 11.43
CA THR A 13 -3.85 -3.33 11.71
C THR A 13 -3.85 -2.88 13.17
N GLY A 14 -3.81 -3.81 14.10
CA GLY A 14 -3.81 -3.45 15.55
C GLY A 14 -5.22 -3.65 16.12
N ARG A 15 -6.22 -3.30 15.35
CA ARG A 15 -7.65 -3.46 15.79
C ARG A 15 -7.94 -2.53 16.98
N CYS A 16 -7.27 -1.40 17.04
CA CYS A 16 -7.49 -0.42 18.16
C CYS A 16 -8.65 0.51 17.78
N ASN A 17 -8.77 0.81 16.50
CA ASN A 17 -9.88 1.69 16.01
C ASN A 17 -10.44 1.06 14.73
N ALA A 18 -10.98 1.85 13.79
CA ALA A 18 -11.54 1.25 12.54
C ALA A 18 -11.83 2.33 11.48
N LEU A 19 -12.16 1.89 10.29
CA LEU A 19 -12.48 2.82 9.16
C LEU A 19 -11.30 3.78 8.90
N ILE A 20 -10.48 3.46 7.92
CA ILE A 20 -9.31 4.32 7.57
C ILE A 20 -8.95 3.97 6.13
N PRO A 21 -8.92 4.95 5.23
CA PRO A 21 -8.61 4.70 3.82
C PRO A 21 -7.12 4.36 3.68
N ALA A 22 -6.72 3.22 4.21
CA ALA A 22 -5.28 2.81 4.11
C ALA A 22 -5.13 1.88 2.93
N PHE A 23 -4.52 2.38 1.90
CA PHE A 23 -4.35 1.61 0.64
C PHE A 23 -2.89 1.23 0.41
N TYR A 24 -2.66 0.07 -0.17
CA TYR A 24 -1.26 -0.34 -0.50
C TYR A 24 -1.28 -1.21 -1.75
N TYR A 25 -0.12 -1.66 -2.20
CA TYR A 25 -0.08 -2.47 -3.45
C TYR A 25 -0.20 -3.97 -3.16
N ASN A 26 -1.05 -4.61 -3.91
CA ASN A 26 -1.28 -6.07 -3.76
C ASN A 26 -0.81 -6.78 -5.03
N SER A 27 -0.09 -7.87 -4.86
CA SER A 27 0.43 -8.64 -6.03
C SER A 27 -0.57 -9.73 -6.44
N HIS A 28 -1.81 -9.63 -5.99
CA HIS A 28 -2.85 -10.64 -6.35
C HIS A 28 -3.61 -10.15 -7.58
N LEU A 29 -3.80 -8.85 -7.69
CA LEU A 29 -4.52 -8.27 -8.85
C LEU A 29 -3.61 -7.30 -9.62
N HIS A 30 -2.34 -7.22 -9.25
CA HIS A 30 -1.38 -6.30 -9.95
C HIS A 30 -1.93 -4.87 -9.88
N LYS A 31 -2.40 -4.46 -8.72
CA LYS A 31 -2.97 -3.09 -8.55
C LYS A 31 -2.96 -2.71 -7.07
N CYS A 32 -3.68 -1.67 -6.72
CA CYS A 32 -3.73 -1.21 -5.30
C CYS A 32 -4.93 -1.84 -4.61
N GLN A 33 -4.86 -1.93 -3.29
CA GLN A 33 -5.98 -2.50 -2.49
C GLN A 33 -6.14 -1.64 -1.25
N LYS A 34 -7.36 -1.49 -0.79
CA LYS A 34 -7.62 -0.67 0.41
C LYS A 34 -7.79 -1.59 1.61
N PHE A 35 -7.31 -1.18 2.77
CA PHE A 35 -7.46 -2.02 3.99
C PHE A 35 -7.96 -1.15 5.14
N ASN A 36 -8.56 -1.77 6.13
CA ASN A 36 -9.14 -1.02 7.28
C ASN A 36 -8.12 -0.96 8.42
N TYR A 37 -7.54 0.20 8.63
CA TYR A 37 -6.54 0.38 9.72
C TYR A 37 -7.26 0.92 10.97
N GLY A 38 -6.67 0.69 12.14
CA GLY A 38 -7.28 1.16 13.41
C GLY A 38 -6.55 2.44 13.87
N GLY A 39 -5.51 2.28 14.65
CA GLY A 39 -4.74 3.46 15.15
C GLY A 39 -3.83 3.02 16.30
N CYS A 40 -2.82 2.23 15.99
CA CYS A 40 -1.86 1.74 17.03
C CYS A 40 -0.45 1.69 16.45
N GLY A 41 -0.17 0.70 15.63
CA GLY A 41 1.18 0.56 15.00
C GLY A 41 1.11 1.00 13.54
N GLY A 42 1.06 0.06 12.63
CA GLY A 42 0.98 0.39 11.17
C GLY A 42 2.37 0.35 10.54
N ASN A 43 2.59 -0.62 9.67
CA ASN A 43 3.92 -0.75 8.99
C ASN A 43 3.99 0.23 7.81
N ALA A 44 5.04 0.15 7.02
CA ALA A 44 5.21 1.06 5.85
C ALA A 44 4.13 0.77 4.81
N ASN A 45 3.61 -0.44 4.79
CA ASN A 45 2.55 -0.81 3.79
C ASN A 45 1.23 -0.11 4.16
N ASN A 46 1.04 1.12 3.70
CA ASN A 46 -0.22 1.86 4.02
C ASN A 46 -0.18 3.27 3.42
N PHE A 47 -1.09 3.53 2.50
CA PHE A 47 -1.17 4.88 1.85
C PHE A 47 -2.50 5.54 2.23
N LYS A 48 -2.91 6.55 1.49
CA LYS A 48 -4.21 7.24 1.79
C LYS A 48 -5.23 6.91 0.70
N THR A 49 -4.76 6.65 -0.51
CA THR A 49 -5.68 6.31 -1.63
C THR A 49 -4.91 5.57 -2.72
N ILE A 50 -5.58 5.27 -3.79
CA ILE A 50 -4.96 4.53 -4.94
C ILE A 50 -4.01 5.44 -5.74
N ASP A 51 -4.15 6.75 -5.60
CA ASP A 51 -3.26 7.70 -6.35
C ASP A 51 -1.82 7.55 -5.87
N GLU A 52 -1.53 7.99 -4.67
CA GLU A 52 -0.14 7.88 -4.10
C GLU A 52 0.28 6.40 -4.11
N CYS A 53 -0.68 5.52 -3.91
CA CYS A 53 -0.41 4.06 -3.91
C CYS A 53 0.09 3.62 -5.29
N GLN A 54 -0.50 4.17 -6.34
CA GLN A 54 -0.10 3.79 -7.73
C GLN A 54 1.32 4.26 -8.03
N ARG A 55 1.64 5.48 -7.63
CA ARG A 55 3.01 6.04 -7.90
C ARG A 55 4.10 5.20 -7.18
N THR A 56 4.02 5.10 -5.88
CA THR A 56 5.04 4.35 -5.09
C THR A 56 5.27 2.93 -5.64
N CYS A 57 4.22 2.14 -5.75
CA CYS A 57 4.39 0.73 -6.27
C CYS A 57 4.06 0.67 -7.77
N ALA A 58 2.84 1.03 -8.14
CA ALA A 58 2.43 0.99 -9.58
C ALA A 58 2.56 -0.44 -10.12
N ALA A 59 2.43 -0.61 -11.42
CA ALA A 59 2.54 -1.96 -12.03
C ALA A 59 4.01 -2.24 -12.36
N LYS A 60 4.74 -1.21 -12.78
CA LYS A 60 6.18 -1.37 -13.13
C LYS A 60 6.33 -2.43 -14.23
N TYR A 61 7.54 -2.69 -14.64
CA TYR A 61 7.80 -3.70 -15.72
C TYR A 61 8.60 -4.87 -15.12
N GLY A 62 9.84 -4.62 -14.76
CA GLY A 62 10.70 -5.68 -14.16
C GLY A 62 12.01 -5.06 -13.67
N ARG A 63 12.29 -5.19 -12.38
CA ARG A 63 13.54 -4.63 -11.80
C ARG A 63 14.73 -5.48 -12.27
N SER A 64 15.87 -5.33 -11.63
CA SER A 64 17.08 -6.11 -12.01
C SER A 64 16.91 -7.56 -11.56
N SER A 65 16.84 -7.79 -10.26
CA SER A 65 16.66 -9.17 -9.72
C SER A 65 16.41 -9.10 -8.21
N LYS A 1 17.89 2.40 1.01
CA LYS A 1 18.37 3.20 -0.15
C LYS A 1 17.57 2.81 -1.40
N ASN A 2 17.64 1.55 -1.77
CA ASN A 2 16.88 1.07 -2.99
C ASN A 2 15.39 0.99 -2.66
N ARG A 3 14.57 0.72 -3.66
CA ARG A 3 13.10 0.62 -3.44
C ARG A 3 12.78 -0.70 -2.72
N PRO A 4 11.91 -0.67 -1.71
CA PRO A 4 11.53 -1.88 -0.96
C PRO A 4 10.47 -2.67 -1.71
N THR A 5 10.34 -3.95 -1.41
CA THR A 5 9.29 -4.80 -2.08
C THR A 5 8.09 -4.96 -1.14
N PHE A 6 8.01 -4.11 -0.11
CA PHE A 6 6.89 -4.15 0.88
C PHE A 6 5.52 -4.45 0.21
N CYS A 7 5.34 -4.04 -1.03
CA CYS A 7 4.03 -4.29 -1.77
C CYS A 7 3.59 -5.75 -1.57
N ASN A 8 4.55 -6.65 -1.41
CA ASN A 8 4.23 -8.08 -1.18
C ASN A 8 4.17 -8.34 0.34
N LEU A 9 4.97 -7.59 1.08
CA LEU A 9 5.01 -7.71 2.57
C LEU A 9 3.62 -7.40 3.14
N LEU A 10 3.23 -8.10 4.19
CA LEU A 10 1.90 -7.86 4.82
C LEU A 10 2.04 -6.77 5.90
N PRO A 11 1.16 -5.78 5.91
CA PRO A 11 1.22 -4.67 6.88
C PRO A 11 0.65 -5.08 8.25
N GLU A 12 0.57 -4.14 9.16
CA GLU A 12 0.02 -4.41 10.52
C GLU A 12 -1.05 -3.35 10.80
N THR A 13 -2.14 -3.74 11.44
CA THR A 13 -3.24 -2.77 11.74
C THR A 13 -2.94 -1.96 13.01
N GLY A 14 -2.95 -2.61 14.15
CA GLY A 14 -2.70 -1.89 15.44
C GLY A 14 -4.03 -1.28 15.92
N ARG A 15 -4.69 -1.95 16.83
CA ARG A 15 -6.01 -1.45 17.35
C ARG A 15 -5.91 0.00 17.82
N CYS A 16 -6.94 0.78 17.57
CA CYS A 16 -6.96 2.22 17.98
C CYS A 16 -8.26 2.86 17.48
N ASN A 17 -8.39 2.95 16.18
CA ASN A 17 -9.62 3.54 15.55
C ASN A 17 -9.75 2.98 14.14
N ALA A 18 -10.72 2.11 13.93
CA ALA A 18 -10.92 1.47 12.59
C ALA A 18 -11.52 2.47 11.60
N LEU A 19 -11.76 2.02 10.38
CA LEU A 19 -12.34 2.89 9.31
C LEU A 19 -11.34 3.97 8.90
N ILE A 20 -10.47 3.67 7.96
CA ILE A 20 -9.46 4.64 7.48
C ILE A 20 -9.04 4.18 6.09
N PRO A 21 -8.94 5.09 5.12
CA PRO A 21 -8.54 4.72 3.76
C PRO A 21 -7.06 4.34 3.72
N ALA A 22 -6.72 3.20 4.27
CA ALA A 22 -5.30 2.74 4.25
C ALA A 22 -5.14 1.81 3.06
N PHE A 23 -4.50 2.31 2.05
CA PHE A 23 -4.36 1.55 0.78
C PHE A 23 -2.91 1.13 0.54
N TYR A 24 -2.73 0.06 -0.20
CA TYR A 24 -1.35 -0.39 -0.58
C TYR A 24 -1.43 -1.26 -1.83
N TYR A 25 -0.30 -1.78 -2.27
CA TYR A 25 -0.29 -2.58 -3.53
C TYR A 25 -0.35 -4.08 -3.24
N ASN A 26 -1.16 -4.76 -4.00
CA ASN A 26 -1.32 -6.25 -3.87
C ASN A 26 -0.69 -6.92 -5.09
N SER A 27 0.17 -7.89 -4.87
CA SER A 27 0.85 -8.60 -6.01
C SER A 27 -0.17 -9.44 -6.77
N HIS A 28 -0.89 -10.29 -6.07
CA HIS A 28 -1.90 -11.17 -6.73
C HIS A 28 -2.93 -10.32 -7.48
N LEU A 29 -3.21 -9.13 -6.97
CA LEU A 29 -4.20 -8.22 -7.63
C LEU A 29 -3.50 -7.42 -8.74
N HIS A 30 -2.20 -7.21 -8.61
CA HIS A 30 -1.45 -6.43 -9.64
C HIS A 30 -2.00 -5.00 -9.67
N LYS A 31 -2.49 -4.53 -8.55
CA LYS A 31 -3.07 -3.16 -8.45
C LYS A 31 -3.09 -2.72 -6.99
N CYS A 32 -3.78 -1.63 -6.70
CA CYS A 32 -3.86 -1.14 -5.29
C CYS A 32 -5.12 -1.67 -4.63
N GLN A 33 -5.08 -1.81 -3.33
CA GLN A 33 -6.26 -2.31 -2.56
C GLN A 33 -6.37 -1.49 -1.29
N LYS A 34 -7.56 -1.33 -0.77
CA LYS A 34 -7.76 -0.54 0.47
C LYS A 34 -7.89 -1.50 1.65
N PHE A 35 -7.45 -1.08 2.82
CA PHE A 35 -7.54 -1.95 4.03
C PHE A 35 -7.94 -1.09 5.23
N ASN A 36 -8.25 -1.75 6.33
CA ASN A 36 -8.68 -1.02 7.57
C ASN A 36 -7.49 -0.82 8.50
N TYR A 37 -7.18 0.42 8.82
CA TYR A 37 -6.03 0.73 9.71
C TYR A 37 -6.54 1.35 11.02
N GLY A 38 -5.88 1.04 12.12
CA GLY A 38 -6.31 1.60 13.45
C GLY A 38 -5.86 3.05 13.56
N GLY A 39 -4.61 3.31 13.26
CA GLY A 39 -4.06 4.71 13.34
C GLY A 39 -2.78 4.71 14.17
N CYS A 40 -2.70 3.84 15.16
CA CYS A 40 -1.49 3.77 16.03
C CYS A 40 -0.74 2.47 15.73
N GLY A 41 0.56 2.55 15.52
CA GLY A 41 1.36 1.33 15.22
C GLY A 41 0.90 0.72 13.90
N GLY A 42 1.79 0.62 12.93
CA GLY A 42 1.44 0.03 11.60
C GLY A 42 2.68 -0.03 10.72
N ASN A 43 2.78 -1.06 9.90
CA ASN A 43 3.96 -1.21 9.00
C ASN A 43 3.97 -0.08 7.96
N ALA A 44 4.86 -0.16 7.00
CA ALA A 44 4.96 0.91 5.95
C ALA A 44 3.88 0.68 4.89
N ASN A 45 3.47 -0.55 4.69
CA ASN A 45 2.41 -0.86 3.67
C ASN A 45 1.10 -0.15 4.06
N ASN A 46 0.94 1.09 3.64
CA ASN A 46 -0.32 1.85 3.98
C ASN A 46 -0.27 3.26 3.37
N PHE A 47 -1.27 3.56 2.57
CA PHE A 47 -1.36 4.90 1.91
C PHE A 47 -2.73 5.54 2.23
N LYS A 48 -3.18 6.48 1.41
CA LYS A 48 -4.49 7.15 1.66
C LYS A 48 -5.46 6.86 0.50
N THR A 49 -4.95 6.48 -0.67
CA THR A 49 -5.83 6.19 -1.84
C THR A 49 -5.00 5.51 -2.94
N ILE A 50 -5.69 5.04 -3.94
CA ILE A 50 -5.04 4.33 -5.10
C ILE A 50 -4.05 5.26 -5.81
N ASP A 51 -4.26 6.56 -5.73
CA ASP A 51 -3.34 7.52 -6.43
C ASP A 51 -1.92 7.40 -5.86
N GLU A 52 -1.78 7.49 -4.55
CA GLU A 52 -0.42 7.35 -3.93
C GLU A 52 0.10 5.94 -4.22
N CYS A 53 -0.80 4.99 -4.31
CA CYS A 53 -0.42 3.57 -4.60
C CYS A 53 0.35 3.52 -5.92
N GLN A 54 -0.17 4.16 -6.94
CA GLN A 54 0.47 4.15 -8.28
C GLN A 54 1.84 4.83 -8.24
N ARG A 55 1.92 5.97 -7.57
CA ARG A 55 3.19 6.74 -7.51
C ARG A 55 4.31 5.99 -6.76
N THR A 56 3.98 5.24 -5.72
CA THR A 56 5.05 4.54 -4.92
C THR A 56 5.31 3.09 -5.38
N CYS A 57 4.28 2.27 -5.51
CA CYS A 57 4.49 0.83 -5.89
C CYS A 57 4.36 0.62 -7.41
N ALA A 58 3.53 1.39 -8.07
CA ALA A 58 3.35 1.20 -9.56
C ALA A 58 4.42 1.99 -10.32
N ALA A 59 5.35 1.28 -10.91
CA ALA A 59 6.45 1.93 -11.68
C ALA A 59 7.19 0.85 -12.48
N LYS A 60 7.11 0.92 -13.80
CA LYS A 60 7.79 -0.10 -14.66
C LYS A 60 8.35 0.57 -15.92
N TYR A 61 8.89 -0.23 -16.82
CA TYR A 61 9.47 0.30 -18.09
C TYR A 61 8.60 -0.14 -19.26
N GLY A 62 8.24 -1.40 -19.30
CA GLY A 62 7.38 -1.94 -20.41
C GLY A 62 8.28 -2.39 -21.56
N ARG A 63 7.71 -2.57 -22.73
CA ARG A 63 8.51 -3.01 -23.92
C ARG A 63 8.68 -1.81 -24.87
N SER A 64 9.10 -2.08 -26.09
CA SER A 64 9.29 -0.99 -27.09
C SER A 64 7.94 -0.44 -27.52
N SER A 65 7.87 0.85 -27.81
CA SER A 65 6.58 1.48 -28.24
C SER A 65 6.18 0.94 -29.61
N LYS A 1 14.90 -7.41 -9.35
CA LYS A 1 15.85 -7.82 -8.29
C LYS A 1 16.42 -6.59 -7.59
N ASN A 2 16.87 -6.74 -6.36
CA ASN A 2 17.44 -5.60 -5.59
C ASN A 2 16.39 -4.49 -5.47
N ARG A 3 15.57 -4.56 -4.44
CA ARG A 3 14.49 -3.54 -4.23
C ARG A 3 13.73 -3.87 -2.92
N PRO A 4 12.82 -2.98 -2.52
CA PRO A 4 12.03 -3.17 -1.28
C PRO A 4 10.91 -4.17 -1.51
N THR A 5 10.14 -3.97 -2.55
CA THR A 5 8.98 -4.85 -2.88
C THR A 5 8.04 -4.96 -1.66
N PHE A 6 8.10 -3.99 -0.77
CA PHE A 6 7.22 -3.96 0.44
C PHE A 6 5.75 -4.22 0.07
N CYS A 7 5.38 -3.92 -1.16
CA CYS A 7 3.97 -4.14 -1.64
C CYS A 7 3.52 -5.59 -1.34
N ASN A 8 4.46 -6.51 -1.20
CA ASN A 8 4.11 -7.94 -0.92
C ASN A 8 3.78 -8.12 0.57
N LEU A 9 4.25 -7.23 1.42
CA LEU A 9 4.00 -7.35 2.90
C LEU A 9 2.50 -7.32 3.19
N LEU A 10 2.15 -7.72 4.39
CA LEU A 10 0.72 -7.72 4.82
C LEU A 10 0.61 -6.82 6.09
N PRO A 11 0.11 -5.60 5.92
CA PRO A 11 -0.01 -4.64 7.05
C PRO A 11 -1.11 -5.07 8.03
N GLU A 12 -0.97 -4.68 9.28
CA GLU A 12 -1.96 -5.04 10.33
C GLU A 12 -2.65 -3.78 10.84
N THR A 13 -3.65 -3.93 11.68
CA THR A 13 -4.38 -2.74 12.24
C THR A 13 -3.72 -2.30 13.54
N GLY A 14 -3.50 -3.23 14.45
CA GLY A 14 -2.85 -2.89 15.75
C GLY A 14 -3.89 -3.01 16.87
N ARG A 15 -4.67 -4.07 16.84
CA ARG A 15 -5.72 -4.29 17.89
C ARG A 15 -6.71 -3.11 17.87
N CYS A 16 -6.92 -2.52 16.73
CA CYS A 16 -7.88 -1.37 16.60
C CYS A 16 -8.55 -1.41 15.24
N ASN A 17 -9.86 -1.41 15.22
CA ASN A 17 -10.61 -1.45 13.93
C ASN A 17 -11.33 -0.12 13.71
N ALA A 18 -11.16 0.47 12.56
CA ALA A 18 -11.82 1.78 12.23
C ALA A 18 -11.73 2.02 10.73
N LEU A 19 -12.84 2.31 10.10
CA LEU A 19 -12.84 2.56 8.63
C LEU A 19 -11.92 3.74 8.30
N ILE A 20 -10.90 3.48 7.51
CA ILE A 20 -9.94 4.54 7.11
C ILE A 20 -9.36 4.08 5.76
N PRO A 21 -9.23 4.99 4.81
CA PRO A 21 -8.73 4.64 3.48
C PRO A 21 -7.22 4.35 3.50
N ALA A 22 -6.84 3.20 4.04
CA ALA A 22 -5.40 2.81 4.05
C ALA A 22 -5.20 1.88 2.88
N PHE A 23 -4.58 2.38 1.86
CA PHE A 23 -4.39 1.58 0.61
C PHE A 23 -2.94 1.20 0.38
N TYR A 24 -2.72 0.06 -0.25
CA TYR A 24 -1.34 -0.37 -0.60
C TYR A 24 -1.41 -1.25 -1.84
N TYR A 25 -0.27 -1.64 -2.37
CA TYR A 25 -0.25 -2.46 -3.63
C TYR A 25 -0.16 -3.94 -3.34
N ASN A 26 -0.96 -4.70 -4.05
CA ASN A 26 -0.99 -6.19 -3.90
C ASN A 26 -0.42 -6.82 -5.18
N SER A 27 0.59 -7.66 -5.03
CA SER A 27 1.21 -8.33 -6.21
C SER A 27 0.21 -9.29 -6.86
N HIS A 28 -0.44 -10.11 -6.05
CA HIS A 28 -1.45 -11.08 -6.59
C HIS A 28 -2.55 -10.31 -7.33
N LEU A 29 -2.92 -9.16 -6.83
CA LEU A 29 -3.98 -8.34 -7.48
C LEU A 29 -3.38 -7.55 -8.65
N HIS A 30 -2.09 -7.31 -8.62
CA HIS A 30 -1.42 -6.55 -9.72
C HIS A 30 -1.99 -5.12 -9.74
N LYS A 31 -2.44 -4.65 -8.60
CA LYS A 31 -3.03 -3.27 -8.51
C LYS A 31 -3.04 -2.84 -7.04
N CYS A 32 -3.75 -1.78 -6.74
CA CYS A 32 -3.81 -1.28 -5.33
C CYS A 32 -5.05 -1.84 -4.65
N GLN A 33 -5.00 -1.94 -3.34
CA GLN A 33 -6.16 -2.45 -2.56
C GLN A 33 -6.26 -1.62 -1.29
N LYS A 34 -7.46 -1.46 -0.77
CA LYS A 34 -7.66 -0.66 0.46
C LYS A 34 -7.78 -1.59 1.67
N PHE A 35 -7.39 -1.12 2.83
CA PHE A 35 -7.49 -1.95 4.06
C PHE A 35 -7.94 -1.08 5.25
N ASN A 36 -8.25 -1.71 6.37
CA ASN A 36 -8.75 -0.96 7.57
C ASN A 36 -7.62 -0.62 8.53
N TYR A 37 -7.59 0.62 8.98
CA TYR A 37 -6.54 1.08 9.93
C TYR A 37 -7.15 2.06 10.94
N GLY A 38 -6.48 2.29 12.05
CA GLY A 38 -7.01 3.23 13.08
C GLY A 38 -5.88 4.17 13.53
N GLY A 39 -5.01 3.68 14.39
CA GLY A 39 -3.87 4.51 14.90
C GLY A 39 -3.21 3.81 16.09
N CYS A 40 -3.06 2.51 16.01
CA CYS A 40 -2.42 1.74 17.12
C CYS A 40 -1.15 1.05 16.61
N GLY A 41 -0.52 1.63 15.61
CA GLY A 41 0.74 1.05 15.03
C GLY A 41 0.38 0.09 13.90
N GLY A 42 1.34 -0.20 13.04
CA GLY A 42 1.11 -1.13 11.89
C GLY A 42 2.38 -1.22 11.04
N ASN A 43 2.28 -1.78 9.85
CA ASN A 43 3.48 -1.91 8.96
C ASN A 43 3.69 -0.59 8.21
N ALA A 44 4.65 -0.58 7.30
CA ALA A 44 4.94 0.66 6.50
C ALA A 44 4.02 0.71 5.29
N ASN A 45 3.58 -0.44 4.80
CA ASN A 45 2.69 -0.51 3.61
C ASN A 45 1.31 0.05 3.98
N ASN A 46 1.06 1.29 3.64
CA ASN A 46 -0.26 1.94 3.94
C ASN A 46 -0.28 3.35 3.37
N PHE A 47 -1.13 3.58 2.40
CA PHE A 47 -1.22 4.93 1.76
C PHE A 47 -2.59 5.53 2.04
N LYS A 48 -2.93 6.61 1.35
CA LYS A 48 -4.24 7.28 1.56
C LYS A 48 -5.26 6.76 0.55
N THR A 49 -4.82 6.51 -0.68
CA THR A 49 -5.76 6.00 -1.73
C THR A 49 -4.93 5.34 -2.85
N ILE A 50 -5.50 5.21 -4.02
CA ILE A 50 -4.80 4.58 -5.18
C ILE A 50 -3.77 5.55 -5.78
N ASP A 51 -3.95 6.84 -5.57
CA ASP A 51 -3.00 7.85 -6.14
C ASP A 51 -1.61 7.64 -5.57
N GLU A 52 -1.43 7.93 -4.29
CA GLU A 52 -0.10 7.75 -3.63
C GLU A 52 0.30 6.27 -3.71
N CYS A 53 -0.68 5.39 -3.70
CA CYS A 53 -0.42 3.92 -3.77
C CYS A 53 0.02 3.51 -5.17
N GLN A 54 -0.47 4.18 -6.18
CA GLN A 54 -0.10 3.85 -7.59
C GLN A 54 1.34 4.29 -7.87
N ARG A 55 1.57 5.58 -7.85
CA ARG A 55 2.94 6.13 -8.16
C ARG A 55 4.04 5.48 -7.29
N THR A 56 3.71 5.06 -6.08
CA THR A 56 4.76 4.46 -5.18
C THR A 56 5.10 3.01 -5.58
N CYS A 57 4.12 2.15 -5.78
CA CYS A 57 4.41 0.72 -6.14
C CYS A 57 4.41 0.50 -7.66
N ALA A 58 3.66 1.30 -8.39
CA ALA A 58 3.59 1.13 -9.89
C ALA A 58 5.01 1.07 -10.49
N ALA A 59 5.31 0.01 -11.20
CA ALA A 59 6.67 -0.14 -11.82
C ALA A 59 6.53 -0.37 -13.33
N LYS A 60 5.56 -1.17 -13.74
CA LYS A 60 5.36 -1.45 -15.20
C LYS A 60 5.01 -0.16 -15.92
N TYR A 61 4.24 0.70 -15.28
CA TYR A 61 3.83 2.01 -15.90
C TYR A 61 3.14 1.74 -17.25
N GLY A 62 2.66 2.78 -17.89
CA GLY A 62 1.97 2.62 -19.21
C GLY A 62 2.66 3.46 -20.29
N ARG A 63 1.88 4.12 -21.11
CA ARG A 63 2.44 4.97 -22.21
C ARG A 63 3.21 4.08 -23.19
N SER A 64 3.28 4.51 -24.45
CA SER A 64 4.01 3.71 -25.49
C SER A 64 5.47 3.53 -25.07
N SER A 65 6.11 2.51 -25.60
CA SER A 65 7.55 2.24 -25.27
C SER A 65 8.45 2.99 -26.24
#